data_5H14
#
_entry.id   5H14
#
_cell.length_a   93.758
_cell.length_b   178.353
_cell.length_c   50.545
_cell.angle_alpha   90.000
_cell.angle_beta   90.000
_cell.angle_gamma   90.000
#
_symmetry.space_group_name_H-M   'P 21 21 2'
#
loop_
_entity.id
_entity.type
_entity.pdbx_description
1 polymer 'Polycomb protein EED'
2 polymer 'Histone-lysine N-methyltransferase EZH2'
3 non-polymer GLYCEROL
4 non-polymer 2-[3-(3,5-dimethylpyrazol-1-yl)-4-nitro-phenyl]-3,4-dihydro-1H-isoquinoline
5 water water
#
loop_
_entity_poly.entity_id
_entity_poly.type
_entity_poly.pdbx_seq_one_letter_code
_entity_poly.pdbx_strand_id
1 'polypeptide(L)'
;GKKCKYSFKCVNSLKEDHNQPLFGVQFNWHSKEGDPLVFATVGSNRVTLYECHSQGEIRLLQSYVDADADENFYTCAWTY
DSNTSHPLLAVAGSRGIIRIINPITMQCIKHYVGHGNAINELKFHPRDPNLLLSVSKDHALRLWNIQTDTLVAIFGGVEG
HRDEVLSADYDLLGEKIMSCGMDHSLKLWRINSKRMMNAIKESYDYNPNKTNRPFISQKIHFPDFSTRDIHRNYVDCVRW
LGDLILSKSCENAIVCWKPGKMEDDIDKIKPSESNVTILGRFDYSQCDIWYMRFSMDFWQKMLALGNQVGKLYVWDLEVE
DPHKAKCTTLTHHKCGAAIRQTSFSRDSSILIAVCDDASIWRWDRLR
;
A,B
2 'polypeptide(L)' SMFSSNRQKILERTEILNQEWKQRRIQPV C,D
#
loop_
_chem_comp.id
_chem_comp.type
_chem_comp.name
_chem_comp.formula
GOL non-polymer GLYCEROL 'C3 H8 O3'
LQB non-polymer 2-[3-(3,5-dimethylpyrazol-1-yl)-4-nitro-phenyl]-3,4-dihydro-1H-isoquinoline 'C20 H20 N4 O2'
#
# COMPACT_ATOMS: atom_id res chain seq x y z
N LYS A 2 22.40 33.67 -2.34
CA LYS A 2 22.12 34.16 -0.98
C LYS A 2 23.27 33.81 -0.01
N LYS A 3 22.95 33.69 1.29
CA LYS A 3 23.89 33.33 2.35
C LYS A 3 23.24 32.42 3.41
N CYS A 4 24.07 31.63 4.12
CA CYS A 4 23.62 30.76 5.21
C CYS A 4 23.24 31.60 6.44
N LYS A 5 22.17 31.19 7.13
CA LYS A 5 21.61 31.82 8.33
C LYS A 5 21.84 30.97 9.59
N TYR A 6 21.93 29.64 9.41
CA TYR A 6 22.11 28.61 10.42
C TYR A 6 23.27 28.85 11.38
N SER A 7 22.95 28.84 12.68
CA SER A 7 23.88 29.05 13.78
C SER A 7 23.65 27.99 14.83
N PHE A 8 24.72 27.53 15.46
CA PHE A 8 24.61 26.50 16.48
C PHE A 8 25.42 26.90 17.68
N LYS A 9 25.18 26.23 18.82
CA LYS A 9 25.86 26.46 20.08
C LYS A 9 26.20 25.11 20.68
N CYS A 10 27.45 24.92 21.12
CA CYS A 10 27.83 23.66 21.76
C CYS A 10 27.35 23.71 23.17
N VAL A 11 26.40 22.82 23.49
CA VAL A 11 25.76 22.84 24.80
C VAL A 11 26.26 21.76 25.74
N ASN A 12 26.91 20.71 25.22
CA ASN A 12 27.35 19.61 26.08
C ASN A 12 28.27 18.66 25.36
N SER A 13 28.97 17.84 26.14
CA SER A 13 29.86 16.81 25.62
C SER A 13 30.06 15.75 26.67
N LEU A 14 30.40 14.54 26.23
CA LEU A 14 30.76 13.47 27.13
C LEU A 14 31.70 12.52 26.43
N LYS A 15 32.33 11.61 27.19
CA LYS A 15 33.28 10.65 26.69
C LYS A 15 32.80 9.28 27.18
N GLU A 16 32.74 8.27 26.29
CA GLU A 16 32.34 6.91 26.67
C GLU A 16 33.52 6.24 27.35
N ASP A 17 33.27 5.44 28.42
CA ASP A 17 34.32 4.83 29.26
C ASP A 17 35.23 3.84 28.55
N HIS A 18 34.83 3.31 27.37
CA HIS A 18 35.66 2.36 26.64
C HIS A 18 36.85 3.02 25.94
N ASN A 19 36.81 4.36 25.74
CA ASN A 19 37.87 5.17 25.11
C ASN A 19 38.24 4.75 23.67
N GLN A 20 37.36 3.99 22.99
CA GLN A 20 37.62 3.56 21.62
C GLN A 20 36.96 4.49 20.59
N PRO A 21 37.45 4.55 19.33
CA PRO A 21 36.78 5.43 18.34
C PRO A 21 35.31 5.12 18.17
N LEU A 22 34.47 6.18 18.07
CA LEU A 22 33.04 6.04 17.78
C LEU A 22 32.92 6.26 16.30
N PHE A 23 32.40 5.27 15.56
CA PHE A 23 32.34 5.39 14.11
C PHE A 23 31.00 5.82 13.58
N GLY A 24 29.95 5.58 14.36
CA GLY A 24 28.60 5.86 13.89
C GLY A 24 27.73 6.52 14.93
N VAL A 25 26.82 7.37 14.44
CA VAL A 25 25.80 8.03 15.28
C VAL A 25 24.56 8.23 14.46
N GLN A 26 23.38 7.90 15.02
CA GLN A 26 22.15 8.11 14.30
C GLN A 26 21.08 8.47 15.24
N PHE A 27 20.40 9.59 14.99
CA PHE A 27 19.17 9.89 15.69
C PHE A 27 18.11 8.93 15.12
N ASN A 28 17.12 8.60 15.92
CA ASN A 28 15.99 7.78 15.49
C ASN A 28 15.01 8.70 14.84
N TRP A 29 14.92 8.73 13.49
CA TRP A 29 13.97 9.61 12.82
C TRP A 29 12.54 9.02 12.77
N HIS A 30 12.33 7.81 13.30
CA HIS A 30 11.00 7.16 13.25
C HIS A 30 10.11 7.60 14.40
N SER A 31 10.71 8.08 15.51
CA SER A 31 9.96 8.53 16.70
C SER A 31 8.98 9.64 16.30
N LYS A 32 7.72 9.58 16.79
CA LYS A 32 6.72 10.56 16.40
C LYS A 32 6.97 11.94 17.04
N GLU A 33 6.38 13.00 16.45
CA GLU A 33 6.46 14.39 16.87
C GLU A 33 6.03 14.48 18.32
N GLY A 34 6.84 15.15 19.12
CA GLY A 34 6.58 15.31 20.56
C GLY A 34 7.35 14.33 21.42
N ASP A 35 7.57 13.10 20.92
CA ASP A 35 8.30 12.05 21.64
C ASP A 35 9.78 12.45 21.84
N PRO A 36 10.49 11.89 22.84
CA PRO A 36 11.86 12.35 23.13
C PRO A 36 12.88 12.01 22.04
N LEU A 37 13.87 12.90 21.86
CA LEU A 37 14.89 12.72 20.82
C LEU A 37 15.96 11.75 21.24
N VAL A 38 16.02 10.59 20.57
CA VAL A 38 16.97 9.53 20.91
C VAL A 38 17.99 9.34 19.78
N PHE A 39 19.23 9.05 20.14
CA PHE A 39 20.28 8.73 19.18
C PHE A 39 21.09 7.58 19.71
N ALA A 40 21.69 6.80 18.79
CA ALA A 40 22.54 5.66 19.13
C ALA A 40 23.96 5.98 18.66
N THR A 41 24.96 5.46 19.36
CA THR A 41 26.37 5.57 18.97
C THR A 41 26.93 4.17 18.91
N VAL A 42 27.87 3.91 18.00
CA VAL A 42 28.52 2.60 17.92
C VAL A 42 30.01 2.79 17.79
N GLY A 43 30.74 1.90 18.39
CA GLY A 43 32.18 1.91 18.40
C GLY A 43 32.61 0.77 19.29
N SER A 44 33.83 0.24 19.07
CA SER A 44 34.35 -0.92 19.80
C SER A 44 33.28 -2.02 19.67
N ASN A 45 33.00 -2.81 20.73
CA ASN A 45 31.93 -3.81 20.66
C ASN A 45 30.69 -3.28 21.36
N ARG A 46 30.48 -1.96 21.32
CA ARG A 46 29.34 -1.31 21.99
C ARG A 46 28.37 -0.57 21.09
N VAL A 47 27.12 -0.52 21.52
CA VAL A 47 26.01 0.25 20.94
C VAL A 47 25.42 0.96 22.15
N THR A 48 25.41 2.30 22.16
CA THR A 48 24.87 3.05 23.32
C THR A 48 23.72 3.98 22.90
N LEU A 49 22.63 3.98 23.68
CA LEU A 49 21.48 4.84 23.43
C LEU A 49 21.42 6.02 24.40
N TYR A 50 21.09 7.22 23.91
CA TYR A 50 20.97 8.47 24.69
C TYR A 50 19.75 9.22 24.31
N GLU A 51 19.22 9.95 25.26
CA GLU A 51 18.06 10.78 25.04
C GLU A 51 18.49 12.24 25.24
N CYS A 52 18.03 13.14 24.39
CA CYS A 52 18.34 14.55 24.49
C CYS A 52 17.26 15.26 25.27
N HIS A 53 17.65 16.02 26.31
CA HIS A 53 16.69 16.79 27.07
C HIS A 53 17.03 18.28 27.04
N SER A 54 16.23 19.11 27.74
CA SER A 54 16.46 20.55 27.74
C SER A 54 17.79 20.89 28.42
N GLN A 55 18.29 22.12 28.16
CA GLN A 55 19.53 22.65 28.71
C GLN A 55 20.71 21.75 28.43
N GLY A 56 20.71 21.22 27.19
CA GLY A 56 21.74 20.34 26.65
C GLY A 56 21.96 19.03 27.35
N GLU A 57 21.02 18.60 28.22
CA GLU A 57 21.24 17.34 28.90
C GLU A 57 21.23 16.17 27.89
N ILE A 58 22.19 15.26 28.03
CA ILE A 58 22.30 14.04 27.24
C ILE A 58 22.15 12.95 28.29
N ARG A 59 21.04 12.22 28.28
CA ARG A 59 20.78 11.17 29.26
C ARG A 59 21.06 9.80 28.70
N LEU A 60 21.94 9.04 29.37
CA LEU A 60 22.29 7.66 29.04
C LEU A 60 21.10 6.76 29.30
N LEU A 61 20.70 5.98 28.29
CA LEU A 61 19.55 5.10 28.42
C LEU A 61 19.95 3.69 28.65
N GLN A 62 20.60 3.07 27.65
CA GLN A 62 21.01 1.69 27.73
C GLN A 62 22.29 1.47 26.96
N SER A 63 23.03 0.46 27.37
CA SER A 63 24.30 0.07 26.75
C SER A 63 24.17 -1.38 26.30
N TYR A 64 24.69 -1.68 25.12
CA TYR A 64 24.74 -3.04 24.59
C TYR A 64 26.22 -3.37 24.46
N VAL A 65 26.65 -4.49 25.06
CA VAL A 65 28.03 -4.94 24.96
C VAL A 65 27.99 -6.28 24.22
N ASP A 66 28.62 -6.36 23.03
CA ASP A 66 28.61 -7.61 22.26
C ASP A 66 29.39 -8.69 23.01
N ALA A 67 28.89 -9.94 22.97
CA ALA A 67 29.52 -11.12 23.57
C ALA A 67 30.95 -11.30 23.03
N ASP A 68 31.15 -11.02 21.73
CA ASP A 68 32.46 -11.07 21.07
C ASP A 68 33.20 -9.77 21.39
N ALA A 69 34.24 -9.88 22.22
CA ALA A 69 35.05 -8.73 22.63
C ALA A 69 35.89 -8.14 21.49
N ASP A 70 36.12 -8.92 20.41
CA ASP A 70 36.91 -8.51 19.23
C ASP A 70 36.07 -7.80 18.13
N GLU A 71 34.74 -7.72 18.31
CA GLU A 71 33.86 -7.03 17.37
C GLU A 71 34.13 -5.52 17.39
N ASN A 72 34.07 -4.90 16.20
CA ASN A 72 34.22 -3.46 16.09
C ASN A 72 33.04 -2.97 15.26
N PHE A 73 32.02 -2.37 15.91
CA PHE A 73 30.85 -1.91 15.18
C PHE A 73 31.21 -0.66 14.39
N TYR A 74 30.84 -0.63 13.10
CA TYR A 74 31.14 0.51 12.24
C TYR A 74 29.93 1.33 11.87
N THR A 75 28.74 0.76 12.01
CA THR A 75 27.53 1.40 11.50
C THR A 75 26.29 0.94 12.27
N CYS A 76 25.24 1.76 12.19
CA CYS A 76 23.91 1.47 12.73
C CYS A 76 22.85 2.16 11.95
N ALA A 77 21.61 1.64 12.02
CA ALA A 77 20.51 2.22 11.29
C ALA A 77 19.26 1.86 12.05
N TRP A 78 18.33 2.79 12.09
CA TRP A 78 17.07 2.55 12.79
C TRP A 78 15.97 2.10 11.87
N THR A 79 15.06 1.28 12.40
CA THR A 79 13.86 0.92 11.71
C THR A 79 12.73 0.70 12.73
N TYR A 80 11.60 0.18 12.28
CA TYR A 80 10.48 -0.15 13.15
C TYR A 80 9.86 -1.45 12.65
N ASP A 81 9.23 -2.19 13.57
CA ASP A 81 8.51 -3.45 13.27
C ASP A 81 7.21 -3.03 12.64
N SER A 82 6.98 -3.45 11.37
CA SER A 82 5.81 -3.07 10.58
C SER A 82 4.48 -3.54 11.17
N ASN A 83 4.52 -4.50 12.11
CA ASN A 83 3.33 -5.04 12.77
C ASN A 83 2.99 -4.32 14.07
N THR A 84 3.94 -4.31 15.02
CA THR A 84 3.78 -3.76 16.37
C THR A 84 4.09 -2.26 16.53
N SER A 85 4.74 -1.63 15.52
CA SER A 85 5.18 -0.22 15.54
C SER A 85 6.39 0.01 16.46
N HIS A 86 6.95 -1.05 17.05
CA HIS A 86 8.09 -1.08 17.94
C HIS A 86 9.39 -0.65 17.21
N PRO A 87 10.23 0.26 17.80
CA PRO A 87 11.51 0.62 17.14
C PRO A 87 12.51 -0.51 17.18
N LEU A 88 13.41 -0.56 16.17
CA LEU A 88 14.45 -1.56 16.09
C LEU A 88 15.73 -0.86 15.62
N LEU A 89 16.85 -1.41 16.00
CA LEU A 89 18.16 -0.91 15.62
C LEU A 89 19.03 -1.99 15.03
N ALA A 90 19.51 -1.78 13.79
CA ALA A 90 20.42 -2.74 13.19
C ALA A 90 21.84 -2.21 13.35
N VAL A 91 22.78 -3.06 13.76
CA VAL A 91 24.19 -2.69 13.93
C VAL A 91 25.09 -3.72 13.23
N ALA A 92 26.28 -3.31 12.76
CA ALA A 92 27.24 -4.22 12.10
C ALA A 92 28.61 -3.62 12.07
N GLY A 93 29.60 -4.47 11.87
CA GLY A 93 30.97 -4.00 11.77
C GLY A 93 31.97 -5.01 11.25
N SER A 94 33.14 -5.07 11.90
CA SER A 94 34.28 -5.89 11.49
C SER A 94 33.99 -7.38 11.31
N ARG A 95 33.11 -8.00 12.12
CA ARG A 95 32.82 -9.44 12.02
C ARG A 95 31.98 -9.80 10.81
N GLY A 96 31.29 -8.80 10.26
CA GLY A 96 30.43 -9.00 9.11
C GLY A 96 29.11 -9.66 9.46
N ILE A 97 28.62 -9.40 10.69
CA ILE A 97 27.33 -9.91 11.18
C ILE A 97 26.38 -8.77 11.47
N ILE A 98 25.19 -8.84 10.95
CA ILE A 98 24.17 -7.84 11.21
C ILE A 98 23.39 -8.31 12.43
N ARG A 99 23.30 -7.46 13.43
CA ARG A 99 22.50 -7.77 14.61
C ARG A 99 21.36 -6.81 14.64
N ILE A 100 20.14 -7.33 14.87
CA ILE A 100 18.92 -6.55 15.02
C ILE A 100 18.68 -6.52 16.52
N ILE A 101 18.76 -5.31 17.11
CA ILE A 101 18.62 -5.12 18.56
C ILE A 101 17.29 -4.48 18.94
N ASN A 102 16.68 -4.95 20.04
CA ASN A 102 15.45 -4.34 20.54
C ASN A 102 16.01 -3.19 21.41
N PRO A 103 15.83 -1.91 21.03
CA PRO A 103 16.44 -0.82 21.82
C PRO A 103 15.89 -0.62 23.23
N ILE A 104 14.66 -1.05 23.47
CA ILE A 104 14.01 -0.91 24.79
C ILE A 104 14.68 -1.88 25.81
N THR A 105 15.13 -3.09 25.38
CA THR A 105 15.76 -4.08 26.27
C THR A 105 17.27 -4.29 26.05
N MET A 106 17.79 -3.91 24.87
CA MET A 106 19.19 -4.11 24.48
C MET A 106 19.50 -5.60 24.23
N GLN A 107 18.45 -6.39 23.91
CA GLN A 107 18.63 -7.80 23.56
C GLN A 107 18.78 -7.92 22.02
N CYS A 108 19.68 -8.80 21.54
CA CYS A 108 19.85 -9.11 20.13
C CYS A 108 18.66 -10.02 19.82
N ILE A 109 17.73 -9.52 18.96
CA ILE A 109 16.51 -10.21 18.53
C ILE A 109 16.89 -11.26 17.48
N LYS A 110 17.71 -10.86 16.50
CA LYS A 110 18.15 -11.77 15.43
C LYS A 110 19.42 -11.29 14.79
N HIS A 111 20.13 -12.19 14.11
CA HIS A 111 21.35 -11.85 13.44
C HIS A 111 21.43 -12.48 12.06
N TYR A 112 22.20 -11.84 11.17
CA TYR A 112 22.39 -12.29 9.79
C TYR A 112 23.84 -12.42 9.47
N VAL A 113 24.23 -13.65 9.11
CA VAL A 113 25.58 -13.98 8.64
C VAL A 113 25.47 -14.15 7.11
N GLY A 114 26.55 -13.92 6.38
CA GLY A 114 26.53 -14.11 4.95
C GLY A 114 27.63 -13.38 4.21
N HIS A 115 27.91 -12.11 4.61
CA HIS A 115 29.00 -11.35 4.02
C HIS A 115 30.30 -12.05 4.33
N GLY A 116 31.23 -12.00 3.38
CA GLY A 116 32.54 -12.62 3.53
C GLY A 116 33.50 -11.88 4.42
N ASN A 117 33.13 -10.64 4.81
CA ASN A 117 33.99 -9.77 5.60
C ASN A 117 33.22 -8.63 6.26
N ALA A 118 33.95 -7.64 6.78
CA ALA A 118 33.41 -6.47 7.49
C ALA A 118 32.25 -5.80 6.73
N ILE A 119 31.26 -5.32 7.46
CA ILE A 119 30.15 -4.56 6.88
C ILE A 119 30.48 -3.10 7.20
N ASN A 120 30.57 -2.25 6.17
CA ASN A 120 30.95 -0.84 6.32
C ASN A 120 29.79 0.11 6.49
N GLU A 121 28.60 -0.28 6.03
CA GLU A 121 27.39 0.53 6.14
C GLU A 121 26.11 -0.28 6.09
N LEU A 122 25.10 0.19 6.82
CA LEU A 122 23.73 -0.33 6.83
C LEU A 122 22.77 0.80 6.53
N LYS A 123 21.79 0.57 5.66
CA LYS A 123 20.75 1.55 5.34
C LYS A 123 19.42 0.85 5.24
N PHE A 124 18.38 1.42 5.85
CA PHE A 124 17.02 0.86 5.64
C PHE A 124 16.37 1.59 4.50
N HIS A 125 15.52 0.89 3.73
CA HIS A 125 14.71 1.43 2.63
C HIS A 125 13.82 2.55 3.18
N PRO A 126 13.65 3.69 2.47
CA PRO A 126 12.85 4.79 3.04
C PRO A 126 11.33 4.57 3.10
N ARG A 127 10.79 3.61 2.32
CA ARG A 127 9.34 3.33 2.31
C ARG A 127 9.00 1.99 2.97
N ASP A 128 9.90 1.01 2.88
CA ASP A 128 9.71 -0.31 3.43
C ASP A 128 10.69 -0.59 4.59
N PRO A 129 10.19 -0.59 5.85
CA PRO A 129 11.07 -0.78 7.01
C PRO A 129 11.76 -2.11 7.14
N ASN A 130 11.30 -3.10 6.35
CA ASN A 130 11.89 -4.44 6.39
C ASN A 130 13.07 -4.62 5.47
N LEU A 131 13.28 -3.69 4.52
CA LEU A 131 14.36 -3.85 3.53
C LEU A 131 15.63 -3.19 3.99
N LEU A 132 16.61 -4.01 4.35
CA LEU A 132 17.88 -3.54 4.88
C LEU A 132 18.98 -3.78 3.86
N LEU A 133 19.79 -2.77 3.62
CA LEU A 133 20.94 -2.88 2.72
C LEU A 133 22.20 -2.84 3.53
N SER A 134 23.12 -3.76 3.24
CA SER A 134 24.45 -3.81 3.85
C SER A 134 25.48 -3.75 2.74
N VAL A 135 26.58 -3.07 2.99
CA VAL A 135 27.68 -2.93 2.03
C VAL A 135 28.91 -3.45 2.71
N SER A 136 29.73 -4.20 1.99
CA SER A 136 30.82 -4.91 2.62
C SER A 136 32.22 -4.86 2.01
N LYS A 137 33.20 -5.23 2.86
CA LYS A 137 34.60 -5.38 2.52
C LYS A 137 34.75 -6.56 1.52
N ASP A 138 33.72 -7.40 1.37
CA ASP A 138 33.75 -8.55 0.45
C ASP A 138 33.43 -8.13 -1.02
N HIS A 139 33.32 -6.81 -1.30
CA HIS A 139 33.07 -6.15 -2.60
C HIS A 139 31.59 -6.17 -3.01
N ALA A 140 30.66 -6.65 -2.16
CA ALA A 140 29.26 -6.72 -2.55
C ALA A 140 28.35 -5.93 -1.63
N LEU A 141 27.13 -5.64 -2.14
CA LEU A 141 26.05 -5.07 -1.34
C LEU A 141 25.05 -6.22 -1.21
N ARG A 142 24.29 -6.24 -0.12
CA ARG A 142 23.26 -7.24 0.03
C ARG A 142 21.98 -6.58 0.47
N LEU A 143 20.84 -7.01 -0.07
CA LEU A 143 19.52 -6.53 0.32
C LEU A 143 18.82 -7.65 1.08
N TRP A 144 18.41 -7.38 2.32
CA TRP A 144 17.75 -8.32 3.24
C TRP A 144 16.29 -7.94 3.51
N ASN A 145 15.42 -8.93 3.71
CA ASN A 145 14.02 -8.67 4.07
C ASN A 145 14.00 -9.17 5.52
N ILE A 146 13.94 -8.27 6.50
CA ILE A 146 14.10 -8.70 7.89
C ILE A 146 12.78 -9.19 8.52
N GLN A 147 11.69 -9.16 7.77
CA GLN A 147 10.41 -9.73 8.22
C GLN A 147 10.46 -11.27 7.95
N THR A 148 10.89 -11.69 6.76
CA THR A 148 10.95 -13.12 6.41
C THR A 148 12.31 -13.74 6.59
N ASP A 149 13.30 -12.94 7.05
CA ASP A 149 14.68 -13.38 7.30
C ASP A 149 15.35 -13.94 6.04
N THR A 150 15.09 -13.30 4.91
CA THR A 150 15.64 -13.74 3.64
C THR A 150 16.67 -12.75 3.07
N LEU A 151 17.59 -13.26 2.23
CA LEU A 151 18.53 -12.46 1.46
C LEU A 151 17.86 -12.29 0.10
N VAL A 152 17.36 -11.09 -0.17
CA VAL A 152 16.63 -10.77 -1.39
C VAL A 152 17.57 -10.80 -2.61
N ALA A 153 18.72 -10.12 -2.49
CA ALA A 153 19.64 -9.93 -3.64
C ALA A 153 21.05 -9.61 -3.17
N ILE A 154 22.03 -9.96 -4.00
CA ILE A 154 23.46 -9.67 -3.87
C ILE A 154 23.86 -8.87 -5.08
N PHE A 155 24.31 -7.63 -4.84
CA PHE A 155 24.74 -6.74 -5.90
C PHE A 155 26.26 -6.83 -5.97
N GLY A 156 26.75 -7.59 -6.94
CA GLY A 156 28.19 -7.76 -7.11
C GLY A 156 28.46 -8.84 -8.13
N GLY A 157 29.72 -8.97 -8.52
CA GLY A 157 30.09 -9.99 -9.50
C GLY A 157 30.78 -9.39 -10.69
N VAL A 158 30.37 -9.80 -11.90
CA VAL A 158 31.07 -9.43 -13.15
C VAL A 158 31.37 -7.93 -13.26
N GLU A 159 30.35 -7.08 -13.10
CA GLU A 159 30.52 -5.63 -13.20
C GLU A 159 30.21 -4.91 -11.86
N GLY A 160 30.31 -5.64 -10.78
CA GLY A 160 30.15 -5.08 -9.44
C GLY A 160 31.45 -4.49 -9.00
N HIS A 161 31.51 -4.00 -7.76
CA HIS A 161 32.75 -3.41 -7.22
C HIS A 161 33.92 -4.40 -7.25
N ARG A 162 35.10 -3.87 -7.48
CA ARG A 162 36.35 -4.67 -7.53
C ARG A 162 37.14 -4.56 -6.24
N ASP A 163 36.66 -3.77 -5.27
CA ASP A 163 37.31 -3.67 -3.97
C ASP A 163 36.20 -3.37 -2.95
N GLU A 164 36.54 -3.17 -1.68
CA GLU A 164 35.54 -2.91 -0.63
C GLU A 164 34.53 -1.88 -1.04
N VAL A 165 33.27 -2.12 -0.68
CA VAL A 165 32.21 -1.14 -0.88
C VAL A 165 32.22 -0.42 0.48
N LEU A 166 32.35 0.91 0.46
CA LEU A 166 32.44 1.69 1.69
C LEU A 166 31.16 2.39 2.09
N SER A 167 30.29 2.69 1.12
CA SER A 167 29.06 3.43 1.41
C SER A 167 28.01 3.18 0.36
N ALA A 168 26.76 3.45 0.70
CA ALA A 168 25.61 3.36 -0.23
C ALA A 168 24.45 4.13 0.30
N ASP A 169 23.53 4.53 -0.59
CA ASP A 169 22.38 5.32 -0.18
C ASP A 169 21.23 5.02 -1.10
N TYR A 170 20.03 4.90 -0.54
CA TYR A 170 18.84 4.82 -1.36
C TYR A 170 18.48 6.27 -1.75
N ASP A 171 17.79 6.45 -2.85
CA ASP A 171 17.28 7.77 -3.22
C ASP A 171 16.05 8.05 -2.33
N LEU A 172 15.39 9.21 -2.47
CA LEU A 172 14.30 9.54 -1.52
C LEU A 172 13.12 8.57 -1.55
N LEU A 173 12.65 8.19 -2.75
CA LEU A 173 11.49 7.31 -2.91
C LEU A 173 11.85 5.80 -2.85
N GLY A 174 13.14 5.48 -2.72
CA GLY A 174 13.61 4.11 -2.60
C GLY A 174 13.50 3.30 -3.88
N GLU A 175 13.74 3.95 -5.02
CA GLU A 175 13.70 3.23 -6.32
C GLU A 175 15.09 2.82 -6.77
N LYS A 176 16.15 3.37 -6.15
CA LYS A 176 17.52 3.07 -6.62
C LYS A 176 18.52 3.30 -5.53
N ILE A 177 19.70 2.71 -5.70
CA ILE A 177 20.78 2.81 -4.75
C ILE A 177 22.04 3.24 -5.49
N MET A 178 22.82 4.13 -4.87
CA MET A 178 24.14 4.43 -5.43
C MET A 178 25.13 3.88 -4.39
N SER A 179 26.15 3.17 -4.83
CA SER A 179 27.16 2.64 -3.92
C SER A 179 28.49 3.18 -4.36
N CYS A 180 29.50 3.08 -3.48
CA CYS A 180 30.87 3.55 -3.82
C CYS A 180 31.90 2.81 -3.01
N GLY A 181 33.17 2.83 -3.44
CA GLY A 181 34.17 2.17 -2.63
C GLY A 181 35.62 2.38 -3.01
N MET A 182 36.47 1.48 -2.54
CA MET A 182 37.92 1.55 -2.71
C MET A 182 38.41 1.42 -4.15
N ASP A 183 37.53 0.97 -5.07
CA ASP A 183 37.88 0.82 -6.48
C ASP A 183 37.67 2.12 -7.22
N HIS A 184 37.37 3.23 -6.47
CA HIS A 184 37.19 4.61 -6.97
C HIS A 184 35.89 4.75 -7.72
N SER A 185 35.06 3.72 -7.75
CA SER A 185 33.87 3.84 -8.55
C SER A 185 32.60 4.11 -7.78
N LEU A 186 31.67 4.75 -8.46
CA LEU A 186 30.30 4.97 -7.99
C LEU A 186 29.39 4.18 -8.95
N LYS A 187 28.51 3.32 -8.38
CA LYS A 187 27.64 2.44 -9.16
C LYS A 187 26.16 2.59 -8.78
N LEU A 188 25.27 2.67 -9.80
CA LEU A 188 23.82 2.79 -9.63
C LEU A 188 23.19 1.41 -9.74
N TRP A 189 22.28 1.06 -8.83
CA TRP A 189 21.58 -0.23 -8.86
C TRP A 189 20.11 0.06 -8.70
N ARG A 190 19.34 -0.11 -9.78
CA ARG A 190 17.90 0.17 -9.71
C ARG A 190 17.18 -0.95 -9.02
N ILE A 191 16.32 -0.60 -8.09
CA ILE A 191 15.54 -1.65 -7.42
C ILE A 191 14.06 -1.54 -7.79
N ASN A 192 13.72 -0.62 -8.71
CA ASN A 192 12.36 -0.52 -9.25
C ASN A 192 12.25 -1.26 -10.59
N SER A 193 13.27 -2.02 -11.01
CA SER A 193 13.17 -2.82 -12.23
C SER A 193 12.12 -3.91 -11.98
N LYS A 194 11.52 -4.44 -13.05
CA LYS A 194 10.57 -5.54 -12.89
C LYS A 194 11.23 -6.71 -12.17
N ARG A 195 12.50 -7.00 -12.47
CA ARG A 195 13.21 -8.16 -11.85
C ARG A 195 13.28 -7.98 -10.33
N MET A 196 13.75 -6.82 -9.89
CA MET A 196 13.94 -6.52 -8.47
C MET A 196 12.62 -6.38 -7.68
N MET A 197 11.61 -5.75 -8.26
CA MET A 197 10.28 -5.62 -7.63
C MET A 197 9.70 -7.02 -7.42
N ASN A 198 9.86 -7.90 -8.44
CA ASN A 198 9.41 -9.28 -8.29
C ASN A 198 10.20 -10.03 -7.25
N ALA A 199 11.54 -9.87 -7.21
CA ALA A 199 12.40 -10.52 -6.20
C ALA A 199 11.97 -10.08 -4.79
N ILE A 200 11.67 -8.79 -4.64
CA ILE A 200 11.18 -8.28 -3.35
C ILE A 200 9.82 -8.93 -3.00
N LYS A 201 8.89 -9.00 -3.97
CA LYS A 201 7.58 -9.63 -3.74
C LYS A 201 7.75 -11.11 -3.34
N GLU A 202 8.66 -11.83 -4.01
CA GLU A 202 8.91 -13.24 -3.66
C GLU A 202 9.50 -13.41 -2.26
N SER A 203 10.36 -12.45 -1.80
CA SER A 203 10.93 -12.55 -0.43
C SER A 203 9.82 -12.47 0.62
N TYR A 204 8.75 -11.75 0.31
CA TYR A 204 7.59 -11.68 1.21
C TYR A 204 6.72 -12.95 1.14
N ASP A 205 6.68 -13.63 -0.04
CA ASP A 205 5.89 -14.84 -0.22
C ASP A 205 6.53 -16.02 0.44
N TYR A 206 7.86 -15.95 0.76
CA TYR A 206 8.59 -17.05 1.36
C TYR A 206 8.10 -17.41 2.76
N ASN A 207 7.55 -18.63 2.87
CA ASN A 207 7.02 -19.21 4.10
C ASN A 207 7.81 -20.50 4.40
N PRO A 208 8.72 -20.50 5.40
CA PRO A 208 9.52 -21.71 5.67
C PRO A 208 8.72 -22.90 6.23
N ASN A 209 7.60 -22.64 6.93
CA ASN A 209 6.75 -23.72 7.45
C ASN A 209 5.63 -24.05 6.44
N LYS A 210 5.99 -24.04 5.13
CA LYS A 210 5.14 -24.31 3.97
C LYS A 210 5.99 -24.92 2.83
N THR A 211 7.33 -24.79 2.92
CA THR A 211 8.31 -25.33 1.96
C THR A 211 9.61 -25.75 2.64
N ASN A 212 10.29 -26.77 2.08
CA ASN A 212 11.57 -27.26 2.60
C ASN A 212 12.77 -26.66 1.87
N ARG A 213 12.55 -26.16 0.63
CA ARG A 213 13.58 -25.53 -0.20
C ARG A 213 14.03 -24.17 0.37
N PRO A 214 15.33 -23.84 0.37
CA PRO A 214 15.74 -22.52 0.87
C PRO A 214 15.38 -21.42 -0.13
N PHE A 215 15.30 -20.15 0.33
CA PHE A 215 14.96 -19.03 -0.56
C PHE A 215 16.12 -18.78 -1.52
N ILE A 216 15.82 -18.47 -2.80
CA ILE A 216 16.85 -18.21 -3.82
C ILE A 216 17.03 -16.71 -4.02
N SER A 217 18.19 -16.20 -3.70
CA SER A 217 18.49 -14.76 -3.83
C SER A 217 18.84 -14.41 -5.27
N GLN A 218 18.54 -13.17 -5.68
CA GLN A 218 19.00 -12.69 -6.99
C GLN A 218 20.48 -12.38 -6.88
N LYS A 219 21.22 -12.64 -7.97
CA LYS A 219 22.63 -12.26 -8.06
C LYS A 219 22.66 -11.26 -9.18
N ILE A 220 22.74 -9.99 -8.82
CA ILE A 220 22.73 -8.85 -9.75
C ILE A 220 24.19 -8.53 -10.06
N HIS A 221 24.72 -9.02 -11.21
CA HIS A 221 26.13 -8.84 -11.59
C HIS A 221 26.41 -7.50 -12.27
N PHE A 222 25.35 -6.83 -12.74
CA PHE A 222 25.48 -5.62 -13.57
C PHE A 222 24.71 -4.39 -13.03
N PRO A 223 25.44 -3.28 -12.79
CA PRO A 223 24.77 -2.03 -12.36
C PRO A 223 24.14 -1.31 -13.53
N ASP A 224 23.26 -0.35 -13.22
CA ASP A 224 22.54 0.47 -14.17
C ASP A 224 23.27 1.71 -14.64
N PHE A 225 24.45 1.95 -14.06
CA PHE A 225 25.37 3.05 -14.32
C PHE A 225 26.58 2.82 -13.49
N SER A 226 27.76 3.17 -14.06
CA SER A 226 29.01 3.06 -13.33
C SER A 226 29.97 4.17 -13.77
N THR A 227 30.71 4.77 -12.84
CA THR A 227 31.72 5.80 -13.17
C THR A 227 32.94 5.72 -12.27
N ARG A 228 34.10 6.00 -12.83
CA ARG A 228 35.35 6.08 -12.06
C ARG A 228 35.92 7.49 -12.38
N ASP A 229 35.09 8.37 -12.97
CA ASP A 229 35.50 9.70 -13.44
C ASP A 229 35.24 10.87 -12.51
N ILE A 230 34.88 10.61 -11.23
CA ILE A 230 34.55 11.70 -10.31
C ILE A 230 35.73 11.99 -9.40
N HIS A 231 36.22 10.96 -8.72
CA HIS A 231 37.30 11.04 -7.76
C HIS A 231 38.47 10.27 -8.28
N ARG A 232 39.66 10.58 -7.78
CA ARG A 232 40.90 9.92 -8.20
C ARG A 232 41.44 8.97 -7.15
N ASN A 233 40.60 8.63 -6.15
CA ASN A 233 41.00 7.76 -5.05
C ASN A 233 39.75 7.08 -4.45
N TYR A 234 39.89 6.34 -3.32
CA TYR A 234 38.77 5.65 -2.64
C TYR A 234 37.61 6.62 -2.45
N VAL A 235 36.36 6.15 -2.59
CA VAL A 235 35.18 7.00 -2.39
C VAL A 235 34.56 6.43 -1.11
N ASP A 236 34.61 7.19 0.00
CA ASP A 236 34.16 6.64 1.29
C ASP A 236 32.77 7.10 1.79
N CYS A 237 32.06 7.92 1.01
CA CYS A 237 30.74 8.39 1.41
C CYS A 237 29.96 8.87 0.20
N VAL A 238 28.72 8.43 0.06
CA VAL A 238 27.84 8.83 -1.04
C VAL A 238 26.44 9.04 -0.55
N ARG A 239 25.77 10.10 -1.00
CA ARG A 239 24.37 10.34 -0.69
C ARG A 239 23.67 10.94 -1.91
N TRP A 240 22.40 10.65 -2.07
CA TRP A 240 21.58 11.30 -3.08
C TRP A 240 21.18 12.70 -2.59
N LEU A 241 21.13 13.65 -3.52
CA LEU A 241 20.64 15.00 -3.29
C LEU A 241 19.58 15.21 -4.42
N GLY A 242 18.37 14.72 -4.20
CA GLY A 242 17.33 14.70 -5.23
C GLY A 242 17.72 13.69 -6.29
N ASP A 243 17.89 14.15 -7.55
CA ASP A 243 18.36 13.31 -8.67
C ASP A 243 19.88 13.43 -8.86
N LEU A 244 20.52 14.29 -8.05
CA LEU A 244 21.97 14.52 -8.09
C LEU A 244 22.64 13.69 -7.00
N ILE A 245 23.95 13.57 -7.07
CA ILE A 245 24.76 12.80 -6.12
C ILE A 245 25.82 13.65 -5.43
N LEU A 246 26.02 13.43 -4.11
CA LEU A 246 27.09 14.00 -3.32
C LEU A 246 28.00 12.85 -2.94
N SER A 247 29.31 12.99 -3.20
CA SER A 247 30.24 11.96 -2.88
C SER A 247 31.60 12.51 -2.52
N LYS A 248 32.36 11.77 -1.71
CA LYS A 248 33.65 12.30 -1.32
C LYS A 248 34.74 11.29 -1.32
N SER A 249 35.97 11.79 -1.53
CA SER A 249 37.21 11.02 -1.45
C SER A 249 38.06 11.79 -0.40
N CYS A 250 39.37 11.82 -0.56
CA CYS A 250 40.26 12.50 0.39
C CYS A 250 40.73 13.87 -0.14
N GLU A 251 40.16 14.37 -1.27
CA GLU A 251 40.50 15.62 -1.98
C GLU A 251 39.99 16.93 -1.31
N ASN A 252 39.55 16.84 -0.04
CA ASN A 252 39.00 17.95 0.75
C ASN A 252 37.86 18.68 0.04
N ALA A 253 37.00 17.88 -0.62
CA ALA A 253 35.78 18.35 -1.25
C ALA A 253 34.74 17.25 -1.34
N ILE A 254 33.49 17.65 -1.19
CA ILE A 254 32.33 16.80 -1.44
C ILE A 254 31.93 17.27 -2.84
N VAL A 255 31.90 16.36 -3.82
CA VAL A 255 31.53 16.71 -5.19
C VAL A 255 30.05 16.48 -5.45
N CYS A 256 29.37 17.47 -6.07
CA CYS A 256 27.99 17.33 -6.51
C CYS A 256 28.05 17.04 -8.00
N TRP A 257 27.46 15.93 -8.41
CA TRP A 257 27.51 15.44 -9.78
C TRP A 257 26.29 14.65 -10.15
N LYS A 258 26.20 14.32 -11.44
CA LYS A 258 25.10 13.54 -11.95
C LYS A 258 25.56 12.68 -13.12
N PRO A 259 24.92 11.51 -13.32
CA PRO A 259 25.29 10.69 -14.48
C PRO A 259 24.77 11.35 -15.75
N GLY A 260 25.48 11.13 -16.84
CA GLY A 260 25.11 11.65 -18.16
C GLY A 260 25.48 13.11 -18.34
N LYS A 261 24.97 13.73 -19.42
CA LYS A 261 25.17 15.16 -19.71
C LYS A 261 24.19 15.95 -18.83
N MET A 262 24.40 17.28 -18.74
CA MET A 262 23.64 18.20 -17.88
C MET A 262 22.12 18.04 -17.87
N GLU A 263 21.52 17.87 -19.04
CA GLU A 263 20.07 17.77 -19.19
C GLU A 263 19.50 16.34 -19.12
N ASP A 264 20.37 15.31 -19.05
CA ASP A 264 19.94 13.90 -19.02
C ASP A 264 19.14 13.51 -17.80
N ASP A 265 17.96 12.91 -18.00
CA ASP A 265 17.05 12.43 -16.95
C ASP A 265 17.67 11.20 -16.28
N ILE A 266 17.71 11.19 -14.92
CA ILE A 266 18.28 10.04 -14.17
C ILE A 266 17.62 8.73 -14.56
N ASP A 267 16.30 8.76 -14.86
CA ASP A 267 15.54 7.54 -15.19
C ASP A 267 15.60 7.13 -16.67
N LYS A 268 16.33 7.89 -17.49
CA LYS A 268 16.52 7.62 -18.92
C LYS A 268 17.99 7.28 -19.21
N ILE A 269 18.86 7.38 -18.19
CA ILE A 269 20.29 7.03 -18.27
C ILE A 269 20.41 5.56 -18.70
N LYS A 270 21.22 5.27 -19.73
CA LYS A 270 21.45 3.91 -20.24
C LYS A 270 22.53 3.25 -19.38
N PRO A 271 22.54 1.91 -19.16
CA PRO A 271 23.64 1.31 -18.35
C PRO A 271 25.06 1.55 -18.89
N SER A 272 25.20 1.80 -20.20
CA SER A 272 26.49 2.04 -20.87
C SER A 272 26.91 3.52 -20.87
N GLU A 273 26.05 4.43 -20.34
CA GLU A 273 26.33 5.87 -20.28
C GLU A 273 27.76 6.12 -19.82
N SER A 274 28.57 6.77 -20.69
CA SER A 274 29.99 7.00 -20.40
C SER A 274 30.27 8.40 -19.85
N ASN A 275 29.26 9.28 -19.83
CA ASN A 275 29.47 10.65 -19.34
C ASN A 275 28.92 10.90 -17.96
N VAL A 276 29.50 11.91 -17.29
CA VAL A 276 29.12 12.44 -15.99
C VAL A 276 29.19 13.97 -16.07
N THR A 277 28.41 14.68 -15.25
CA THR A 277 28.46 16.14 -15.19
C THR A 277 28.73 16.54 -13.76
N ILE A 278 29.85 17.25 -13.54
CA ILE A 278 30.20 17.75 -12.21
C ILE A 278 29.55 19.14 -12.10
N LEU A 279 28.70 19.33 -11.07
CA LEU A 279 27.91 20.55 -10.87
C LEU A 279 28.48 21.52 -9.84
N GLY A 280 29.34 21.02 -8.96
CA GLY A 280 29.93 21.86 -7.91
C GLY A 280 30.67 21.07 -6.87
N ARG A 281 31.40 21.78 -6.02
CA ARG A 281 32.18 21.21 -4.93
C ARG A 281 31.96 22.02 -3.67
N PHE A 282 31.84 21.33 -2.53
CA PHE A 282 31.70 21.90 -1.19
C PHE A 282 33.08 21.67 -0.63
N ASP A 283 33.90 22.75 -0.60
CA ASP A 283 35.29 22.67 -0.19
C ASP A 283 35.45 22.80 1.33
N TYR A 284 36.42 22.08 1.91
CA TYR A 284 36.77 22.16 3.35
C TYR A 284 38.24 21.84 3.48
N SER A 285 38.77 21.77 4.69
CA SER A 285 40.18 21.47 4.88
C SER A 285 40.34 20.40 5.94
N GLN A 286 41.54 19.84 6.02
CA GLN A 286 42.02 18.87 7.00
C GLN A 286 41.07 17.69 7.19
N CYS A 287 40.66 17.07 6.08
CA CYS A 287 39.83 15.87 6.13
C CYS A 287 40.30 15.00 4.99
N ASP A 288 41.60 14.63 5.07
CA ASP A 288 42.29 13.83 4.10
C ASP A 288 42.49 12.38 4.55
N ILE A 289 42.09 12.04 5.79
CA ILE A 289 42.14 10.66 6.28
C ILE A 289 40.92 9.87 5.77
N TRP A 290 41.05 8.53 5.65
CA TRP A 290 39.97 7.66 5.19
C TRP A 290 38.90 7.46 6.25
N TYR A 291 37.66 7.14 5.81
CA TYR A 291 36.52 6.79 6.67
C TYR A 291 35.94 7.99 7.47
N MET A 292 35.47 9.01 6.77
CA MET A 292 34.86 10.20 7.37
C MET A 292 33.59 10.40 6.60
N ARG A 293 32.44 10.38 7.29
CA ARG A 293 31.14 10.49 6.64
CA ARG A 293 31.12 10.48 6.66
C ARG A 293 30.48 11.85 6.77
N PHE A 294 29.78 12.28 5.71
CA PHE A 294 29.02 13.52 5.78
C PHE A 294 27.56 13.08 5.96
N SER A 295 26.72 14.00 6.43
CA SER A 295 25.30 13.76 6.68
CA SER A 295 25.30 13.73 6.64
C SER A 295 24.47 14.95 6.26
N MET A 296 23.17 14.74 6.07
CA MET A 296 22.22 15.79 5.75
C MET A 296 21.06 15.67 6.73
N ASP A 297 20.31 16.76 6.89
CA ASP A 297 19.12 16.70 7.73
C ASP A 297 17.99 16.06 6.89
N PHE A 298 16.83 15.77 7.51
CA PHE A 298 15.71 15.12 6.84
C PHE A 298 15.24 15.87 5.60
N TRP A 299 15.11 17.19 5.71
CA TRP A 299 14.66 18.05 4.62
C TRP A 299 15.72 18.36 3.56
N GLN A 300 16.96 17.93 3.81
CA GLN A 300 18.09 18.12 2.91
C GLN A 300 18.31 19.61 2.62
N LYS A 301 18.30 20.39 3.70
CA LYS A 301 18.52 21.84 3.71
C LYS A 301 19.89 22.09 4.29
N MET A 302 20.46 21.08 5.02
CA MET A 302 21.79 21.23 5.60
C MET A 302 22.65 20.02 5.35
N LEU A 303 23.94 20.27 5.12
CA LEU A 303 24.99 19.27 4.90
C LEU A 303 26.05 19.49 5.98
N ALA A 304 26.43 18.43 6.68
CA ALA A 304 27.44 18.52 7.71
C ALA A 304 28.54 17.51 7.50
N LEU A 305 29.76 17.85 7.89
CA LEU A 305 30.93 16.97 7.82
C LEU A 305 31.98 17.40 8.81
N GLY A 306 32.45 16.45 9.60
CA GLY A 306 33.50 16.67 10.58
C GLY A 306 34.85 16.43 9.94
N ASN A 307 35.91 17.08 10.49
CA ASN A 307 37.24 16.86 9.95
C ASN A 307 38.14 16.20 10.94
N GLN A 308 39.41 15.93 10.57
CA GLN A 308 40.34 15.19 11.42
C GLN A 308 40.79 15.92 12.70
N VAL A 309 40.55 17.23 12.79
CA VAL A 309 41.03 17.98 13.96
C VAL A 309 39.89 18.49 14.84
N GLY A 310 38.69 17.97 14.60
CA GLY A 310 37.50 18.30 15.38
C GLY A 310 36.68 19.48 14.94
N LYS A 311 36.87 20.01 13.71
CA LYS A 311 35.99 21.08 13.21
C LYS A 311 34.77 20.44 12.54
N LEU A 312 33.63 21.13 12.59
CA LEU A 312 32.40 20.58 12.01
C LEU A 312 31.91 21.58 11.01
N TYR A 313 32.05 21.23 9.72
CA TYR A 313 31.61 22.11 8.64
C TYR A 313 30.14 21.91 8.40
N VAL A 314 29.42 23.01 8.11
CA VAL A 314 27.99 22.96 7.82
C VAL A 314 27.70 23.85 6.61
N TRP A 315 26.93 23.34 5.63
CA TRP A 315 26.53 24.13 4.47
C TRP A 315 25.03 24.22 4.37
N ASP A 316 24.53 25.33 3.79
CA ASP A 316 23.10 25.53 3.54
C ASP A 316 22.87 25.10 2.11
N LEU A 317 22.11 24.01 1.93
CA LEU A 317 21.84 23.47 0.61
C LEU A 317 20.80 24.25 -0.19
N GLU A 318 20.22 25.32 0.41
CA GLU A 318 19.26 26.16 -0.31
C GLU A 318 19.93 27.33 -1.02
N VAL A 319 21.26 27.42 -0.89
CA VAL A 319 22.09 28.43 -1.54
C VAL A 319 22.75 27.70 -2.71
N GLU A 320 22.42 28.11 -3.96
CA GLU A 320 22.91 27.51 -5.20
C GLU A 320 24.44 27.44 -5.32
N ASP A 321 25.18 28.52 -5.01
CA ASP A 321 26.64 28.47 -5.11
C ASP A 321 27.22 27.81 -3.87
N PRO A 322 27.91 26.64 -3.99
CA PRO A 322 28.49 25.99 -2.80
C PRO A 322 29.43 26.86 -1.97
N HIS A 323 30.13 27.83 -2.60
CA HIS A 323 31.06 28.75 -1.91
C HIS A 323 30.31 29.75 -1.02
N LYS A 324 29.14 30.24 -1.47
CA LYS A 324 28.31 31.17 -0.69
C LYS A 324 27.38 30.39 0.27
N ALA A 325 27.38 29.04 0.18
CA ALA A 325 26.55 28.14 0.98
C ALA A 325 27.16 27.78 2.34
N LYS A 326 28.46 28.04 2.53
CA LYS A 326 29.18 27.71 3.76
C LYS A 326 28.64 28.48 4.96
N CYS A 327 28.43 27.78 6.10
CA CYS A 327 27.97 28.36 7.36
C CYS A 327 29.18 28.50 8.29
N THR A 328 29.01 29.14 9.46
CA THR A 328 30.10 29.28 10.43
C THR A 328 30.52 27.88 10.87
N THR A 329 31.80 27.55 10.70
CA THR A 329 32.36 26.27 11.10
C THR A 329 32.16 26.11 12.60
N LEU A 330 31.74 24.93 13.03
CA LEU A 330 31.48 24.69 14.43
C LEU A 330 32.72 24.17 15.07
N THR A 331 33.25 24.96 16.01
CA THR A 331 34.49 24.62 16.72
C THR A 331 34.34 24.83 18.21
N HIS A 332 35.01 24.00 18.98
CA HIS A 332 35.11 24.06 20.43
C HIS A 332 36.57 23.73 20.74
N HIS A 333 37.22 24.54 21.57
CA HIS A 333 38.63 24.35 21.90
C HIS A 333 38.93 22.99 22.54
N LYS A 334 37.92 22.29 23.11
CA LYS A 334 38.18 20.99 23.72
C LYS A 334 37.93 19.84 22.73
N CYS A 335 37.34 20.16 21.57
CA CYS A 335 37.00 19.15 20.59
C CYS A 335 38.10 19.16 19.56
N GLY A 336 39.05 18.25 19.74
CA GLY A 336 40.25 18.17 18.91
C GLY A 336 40.47 16.87 18.15
N ALA A 337 39.68 15.80 18.46
CA ALA A 337 39.82 14.49 17.79
C ALA A 337 39.02 14.38 16.49
N ALA A 338 39.34 13.40 15.59
CA ALA A 338 38.60 13.27 14.32
C ALA A 338 37.10 13.00 14.53
N ILE A 339 36.21 13.76 13.87
CA ILE A 339 34.73 13.59 13.92
C ILE A 339 34.37 12.58 12.80
N ARG A 340 34.05 11.31 13.19
CA ARG A 340 33.76 10.25 12.20
C ARG A 340 32.42 10.39 11.51
N GLN A 341 31.43 10.82 12.27
CA GLN A 341 30.07 10.97 11.73
C GLN A 341 29.32 11.95 12.60
N THR A 342 28.30 12.56 12.00
CA THR A 342 27.37 13.45 12.67
C THR A 342 25.96 13.00 12.36
N SER A 343 25.00 13.46 13.18
CA SER A 343 23.59 13.20 12.91
C SER A 343 22.75 14.33 13.41
N PHE A 344 21.82 14.79 12.56
CA PHE A 344 20.84 15.80 12.92
C PHE A 344 19.62 15.10 13.49
N SER A 345 18.95 15.77 14.46
CA SER A 345 17.69 15.29 14.99
C SER A 345 16.69 15.42 13.83
N ARG A 346 15.55 14.70 13.83
CA ARG A 346 14.58 14.82 12.74
C ARG A 346 14.13 16.25 12.47
N ASP A 347 13.93 17.06 13.52
CA ASP A 347 13.51 18.47 13.34
C ASP A 347 14.68 19.44 13.05
N SER A 348 15.93 18.90 12.90
CA SER A 348 17.16 19.70 12.65
C SER A 348 17.53 20.63 13.83
N SER A 349 16.86 20.51 15.00
CA SER A 349 17.17 21.38 16.16
C SER A 349 18.48 21.03 16.85
N ILE A 350 18.91 19.75 16.74
CA ILE A 350 20.13 19.26 17.41
C ILE A 350 21.07 18.57 16.38
N LEU A 351 22.38 18.79 16.50
CA LEU A 351 23.41 18.11 15.70
C LEU A 351 24.36 17.42 16.68
N ILE A 352 24.48 16.08 16.57
CA ILE A 352 25.41 15.36 17.42
C ILE A 352 26.62 14.98 16.56
N ALA A 353 27.83 15.08 17.12
CA ALA A 353 29.09 14.63 16.46
C ALA A 353 29.75 13.62 17.35
N VAL A 354 30.30 12.54 16.77
CA VAL A 354 31.05 11.51 17.52
C VAL A 354 32.48 11.46 16.99
N CYS A 355 33.44 11.17 17.88
CA CYS A 355 34.89 11.27 17.65
C CYS A 355 35.72 10.02 17.87
N ASP A 356 36.94 10.01 17.31
CA ASP A 356 37.97 8.97 17.50
C ASP A 356 38.38 8.76 18.97
N ASP A 357 38.18 9.78 19.84
CA ASP A 357 38.58 9.63 21.25
C ASP A 357 37.41 9.22 22.14
N ALA A 358 36.30 8.74 21.54
CA ALA A 358 35.08 8.29 22.23
C ALA A 358 34.24 9.41 22.79
N SER A 359 34.49 10.64 22.32
CA SER A 359 33.69 11.76 22.79
C SER A 359 32.49 12.00 21.91
N ILE A 360 31.43 12.59 22.50
CA ILE A 360 30.15 12.94 21.89
C ILE A 360 29.96 14.42 22.14
N TRP A 361 29.56 15.16 21.09
CA TRP A 361 29.38 16.61 21.13
C TRP A 361 28.00 17.01 20.71
N ARG A 362 27.34 17.83 21.53
CA ARG A 362 25.99 18.26 21.19
C ARG A 362 25.94 19.73 20.81
N TRP A 363 25.42 20.02 19.62
CA TRP A 363 25.26 21.39 19.11
C TRP A 363 23.78 21.66 18.93
N ASP A 364 23.24 22.70 19.62
CA ASP A 364 21.84 23.09 19.45
C ASP A 364 21.70 24.24 18.49
N ARG A 365 20.70 24.18 17.61
CA ARG A 365 20.40 25.21 16.61
C ARG A 365 19.84 26.45 17.29
N LEU A 366 20.42 27.63 17.00
CA LEU A 366 19.96 28.91 17.58
C LEU A 366 18.77 29.46 16.81
N LYS B 3 -27.86 5.41 -30.03
CA LYS B 3 -28.55 4.19 -29.61
C LYS B 3 -27.59 3.01 -29.33
N CYS B 4 -28.09 1.97 -28.60
CA CYS B 4 -27.35 0.76 -28.21
C CYS B 4 -27.01 -0.15 -29.38
N LYS B 5 -25.75 -0.59 -29.43
CA LYS B 5 -25.30 -1.53 -30.46
C LYS B 5 -24.71 -2.83 -29.84
N TYR B 6 -25.35 -3.30 -28.73
CA TYR B 6 -24.99 -4.57 -28.08
C TYR B 6 -26.01 -5.63 -28.46
N SER B 7 -25.53 -6.79 -28.90
CA SER B 7 -26.41 -7.92 -29.22
C SER B 7 -25.82 -9.22 -28.66
N PHE B 8 -26.70 -10.12 -28.23
CA PHE B 8 -26.30 -11.40 -27.62
C PHE B 8 -27.07 -12.54 -28.25
N LYS B 9 -26.53 -13.75 -28.12
CA LYS B 9 -27.11 -14.99 -28.61
C LYS B 9 -27.08 -15.98 -27.44
N CYS B 10 -28.21 -16.66 -27.16
CA CYS B 10 -28.29 -17.66 -26.09
C CYS B 10 -27.63 -18.90 -26.62
N VAL B 11 -26.50 -19.27 -26.00
CA VAL B 11 -25.74 -20.42 -26.50
C VAL B 11 -25.96 -21.67 -25.69
N ASN B 12 -26.51 -21.56 -24.49
CA ASN B 12 -26.67 -22.77 -23.67
C ASN B 12 -27.55 -22.47 -22.49
N SER B 13 -28.02 -23.55 -21.85
CA SER B 13 -28.79 -23.48 -20.63
C SER B 13 -28.72 -24.83 -19.96
N LEU B 14 -28.94 -24.84 -18.65
CA LEU B 14 -28.99 -26.07 -17.88
C LEU B 14 -29.89 -25.82 -16.70
N LYS B 15 -30.29 -26.88 -16.02
CA LYS B 15 -31.16 -26.76 -14.87
C LYS B 15 -30.49 -27.55 -13.77
N GLU B 16 -30.34 -26.94 -12.56
CA GLU B 16 -29.76 -27.64 -11.41
C GLU B 16 -30.76 -28.67 -10.89
N ASP B 17 -30.30 -29.88 -10.56
CA ASP B 17 -31.16 -31.00 -10.16
C ASP B 17 -31.97 -30.80 -8.86
N HIS B 18 -31.68 -29.78 -8.03
CA HIS B 18 -32.44 -29.50 -6.80
C HIS B 18 -33.81 -28.83 -7.07
N ASN B 19 -33.99 -28.24 -8.28
CA ASN B 19 -35.22 -27.57 -8.77
C ASN B 19 -35.76 -26.42 -7.89
N GLN B 20 -34.91 -25.89 -6.99
CA GLN B 20 -35.24 -24.77 -6.10
C GLN B 20 -34.84 -23.45 -6.75
N PRO B 21 -35.47 -22.30 -6.41
CA PRO B 21 -35.04 -21.02 -7.01
C PRO B 21 -33.57 -20.70 -6.78
N LEU B 22 -32.94 -20.13 -7.80
CA LEU B 22 -31.56 -19.69 -7.71
C LEU B 22 -31.65 -18.20 -7.49
N PHE B 23 -31.11 -17.72 -6.37
CA PHE B 23 -31.20 -16.30 -6.04
C PHE B 23 -30.01 -15.47 -6.45
N GLY B 24 -28.85 -16.10 -6.51
CA GLY B 24 -27.61 -15.40 -6.83
C GLY B 24 -26.74 -16.01 -7.90
N VAL B 25 -26.02 -15.15 -8.61
CA VAL B 25 -25.04 -15.58 -9.61
C VAL B 25 -23.95 -14.52 -9.65
N GLN B 26 -22.69 -14.95 -9.59
CA GLN B 26 -21.57 -14.04 -9.64
C GLN B 26 -20.42 -14.61 -10.42
N PHE B 27 -19.94 -13.90 -11.48
CA PHE B 27 -18.71 -14.35 -12.13
C PHE B 27 -17.60 -13.93 -11.18
N ASN B 28 -16.45 -14.63 -11.22
CA ASN B 28 -15.29 -14.25 -10.44
C ASN B 28 -14.52 -13.18 -11.21
N TRP B 29 -14.63 -11.90 -10.82
CA TRP B 29 -13.89 -10.87 -11.56
C TRP B 29 -12.41 -10.76 -11.10
N HIS B 30 -11.99 -11.58 -10.14
CA HIS B 30 -10.61 -11.45 -9.69
C HIS B 30 -9.66 -12.26 -10.52
N SER B 31 -10.17 -13.29 -11.24
CA SER B 31 -9.36 -14.18 -12.06
C SER B 31 -8.56 -13.39 -13.12
N LYS B 32 -7.27 -13.76 -13.32
CA LYS B 32 -6.40 -13.00 -14.25
C LYS B 32 -6.77 -13.23 -15.71
N GLU B 33 -6.36 -12.30 -16.60
CA GLU B 33 -6.65 -12.37 -18.04
C GLU B 33 -6.00 -13.63 -18.60
N GLY B 34 -6.76 -14.41 -19.36
CA GLY B 34 -6.27 -15.67 -19.93
C GLY B 34 -6.63 -16.88 -19.08
N ASP B 35 -7.08 -16.66 -17.83
CA ASP B 35 -7.53 -17.75 -16.98
C ASP B 35 -9.01 -17.99 -17.29
N PRO B 36 -9.54 -19.20 -17.09
CA PRO B 36 -10.93 -19.47 -17.49
C PRO B 36 -11.97 -18.63 -16.73
N LEU B 37 -13.10 -18.35 -17.38
CA LEU B 37 -14.19 -17.58 -16.78
C LEU B 37 -15.02 -18.48 -15.91
N VAL B 38 -15.07 -18.16 -14.61
CA VAL B 38 -15.78 -18.98 -13.64
C VAL B 38 -16.88 -18.18 -12.94
N PHE B 39 -18.01 -18.82 -12.65
CA PHE B 39 -19.11 -18.16 -11.95
C PHE B 39 -19.69 -19.08 -10.93
N ALA B 40 -20.23 -18.51 -9.86
CA ALA B 40 -20.89 -19.30 -8.83
C ALA B 40 -22.39 -19.03 -8.88
N THR B 41 -23.19 -20.03 -8.53
CA THR B 41 -24.65 -19.89 -8.38
C THR B 41 -25.03 -20.29 -6.96
N VAL B 42 -26.07 -19.67 -6.41
CA VAL B 42 -26.54 -19.99 -5.05
C VAL B 42 -28.06 -20.05 -5.01
N GLY B 43 -28.55 -20.97 -4.23
CA GLY B 43 -29.97 -21.17 -4.01
C GLY B 43 -30.15 -22.41 -3.18
N SER B 44 -31.26 -22.49 -2.41
CA SER B 44 -31.48 -23.60 -1.47
C SER B 44 -30.21 -23.68 -0.59
N ASN B 45 -29.74 -24.88 -0.27
CA ASN B 45 -28.53 -25.06 0.53
C ASN B 45 -27.34 -25.36 -0.36
N ARG B 46 -27.37 -24.84 -1.60
CA ARG B 46 -26.34 -25.13 -2.59
C ARG B 46 -25.54 -23.94 -3.09
N VAL B 47 -24.26 -24.19 -3.33
CA VAL B 47 -23.31 -23.26 -3.94
C VAL B 47 -22.67 -24.09 -5.02
N THR B 48 -22.75 -23.64 -6.29
CA THR B 48 -22.20 -24.41 -7.42
C THR B 48 -21.33 -23.53 -8.30
N LEU B 49 -20.14 -24.04 -8.67
CA LEU B 49 -19.16 -23.37 -9.51
C LEU B 49 -19.16 -24.00 -10.88
N TYR B 50 -19.11 -23.15 -11.90
CA TYR B 50 -19.09 -23.56 -13.30
C TYR B 50 -17.99 -22.82 -14.03
N GLU B 51 -17.47 -23.43 -15.08
CA GLU B 51 -16.48 -22.78 -15.90
C GLU B 51 -17.07 -22.60 -17.32
N CYS B 52 -16.83 -21.44 -17.96
CA CYS B 52 -17.36 -21.20 -19.31
C CYS B 52 -16.28 -21.55 -20.34
N HIS B 53 -16.63 -22.37 -21.31
CA HIS B 53 -15.69 -22.76 -22.35
C HIS B 53 -16.23 -22.39 -23.71
N SER B 54 -15.47 -22.64 -24.79
CA SER B 54 -15.88 -22.28 -26.15
C SER B 54 -17.12 -23.08 -26.53
N GLN B 55 -17.81 -22.61 -27.59
CA GLN B 55 -19.01 -23.19 -28.15
C GLN B 55 -20.11 -23.32 -27.10
N GLY B 56 -20.21 -22.28 -26.26
CA GLY B 56 -21.20 -22.19 -25.18
C GLY B 56 -21.12 -23.23 -24.08
N GLU B 57 -20.07 -24.09 -24.03
CA GLU B 57 -19.97 -25.10 -22.97
C GLU B 57 -19.90 -24.48 -21.57
N ILE B 58 -20.70 -25.02 -20.66
CA ILE B 58 -20.75 -24.66 -19.24
C ILE B 58 -20.34 -25.95 -18.51
N ARG B 59 -19.13 -25.94 -17.95
CA ARG B 59 -18.55 -27.10 -17.29
C ARG B 59 -18.72 -27.02 -15.77
N LEU B 60 -19.42 -27.99 -15.18
CA LEU B 60 -19.61 -28.07 -13.73
C LEU B 60 -18.24 -28.32 -13.08
N LEU B 61 -17.84 -27.48 -12.12
CA LEU B 61 -16.55 -27.65 -11.43
C LEU B 61 -16.71 -28.33 -10.09
N GLN B 62 -17.51 -27.74 -9.20
CA GLN B 62 -17.72 -28.23 -7.84
C GLN B 62 -19.13 -27.95 -7.36
N SER B 63 -19.61 -28.78 -6.44
CA SER B 63 -20.89 -28.62 -5.81
C SER B 63 -20.68 -28.57 -4.29
N TYR B 64 -21.21 -27.54 -3.63
CA TYR B 64 -21.16 -27.43 -2.18
C TYR B 64 -22.57 -27.65 -1.69
N VAL B 65 -22.72 -28.52 -0.69
CA VAL B 65 -24.01 -28.82 -0.09
C VAL B 65 -23.86 -28.52 1.41
N ASP B 66 -24.67 -27.59 1.93
CA ASP B 66 -24.60 -27.22 3.33
C ASP B 66 -25.24 -28.32 4.19
N ALA B 67 -24.60 -28.67 5.32
CA ALA B 67 -25.08 -29.67 6.28
C ALA B 67 -26.54 -29.40 6.69
N ASP B 68 -26.88 -28.13 6.93
CA ASP B 68 -28.24 -27.70 7.27
C ASP B 68 -29.10 -27.71 6.02
N ALA B 69 -30.09 -28.60 5.98
CA ALA B 69 -31.00 -28.75 4.84
C ALA B 69 -32.00 -27.59 4.73
N ASP B 70 -32.19 -26.83 5.84
CA ASP B 70 -33.12 -25.70 5.88
C ASP B 70 -32.48 -24.36 5.52
N GLU B 71 -31.16 -24.34 5.25
CA GLU B 71 -30.49 -23.12 4.81
C GLU B 71 -30.95 -22.76 3.37
N ASN B 72 -31.18 -21.46 3.14
CA ASN B 72 -31.56 -20.97 1.82
C ASN B 72 -30.64 -19.77 1.51
N PHE B 73 -29.60 -20.01 0.69
CA PHE B 73 -28.61 -19.01 0.29
C PHE B 73 -29.25 -18.00 -0.64
N TYR B 74 -29.10 -16.71 -0.33
CA TYR B 74 -29.67 -15.60 -1.10
C TYR B 74 -28.63 -14.84 -1.90
N THR B 75 -27.36 -14.91 -1.48
CA THR B 75 -26.32 -14.04 -2.05
C THR B 75 -24.97 -14.68 -1.98
N CYS B 76 -24.08 -14.24 -2.87
CA CYS B 76 -22.68 -14.67 -2.82
C CYS B 76 -21.79 -13.58 -3.36
N ALA B 77 -20.50 -13.58 -3.01
CA ALA B 77 -19.55 -12.56 -3.44
C ALA B 77 -18.15 -13.13 -3.44
N TRP B 78 -17.34 -12.81 -4.45
CA TRP B 78 -15.97 -13.31 -4.54
C TRP B 78 -14.95 -12.33 -3.94
N THR B 79 -13.84 -12.87 -3.46
CA THR B 79 -12.69 -12.10 -3.02
C THR B 79 -11.45 -12.97 -3.18
N TYR B 80 -10.34 -12.54 -2.62
CA TYR B 80 -9.09 -13.29 -2.62
C TYR B 80 -8.36 -13.05 -1.29
N ASP B 81 -7.48 -13.99 -0.93
CA ASP B 81 -6.64 -13.85 0.28
C ASP B 81 -5.49 -12.91 -0.13
N SER B 82 -5.41 -11.73 0.50
CA SER B 82 -4.42 -10.70 0.19
C SER B 82 -2.94 -11.14 0.31
N ASN B 83 -2.66 -12.20 1.11
CA ASN B 83 -1.32 -12.74 1.34
C ASN B 83 -0.89 -13.82 0.37
N THR B 84 -1.79 -14.79 0.08
CA THR B 84 -1.48 -15.94 -0.77
C THR B 84 -2.02 -15.83 -2.21
N SER B 85 -2.89 -14.81 -2.48
CA SER B 85 -3.57 -14.60 -3.78
C SER B 85 -4.54 -15.75 -4.13
N HIS B 86 -5.02 -16.47 -3.11
CA HIS B 86 -5.94 -17.60 -3.25
C HIS B 86 -7.37 -17.05 -3.39
N PRO B 87 -8.20 -17.54 -4.35
CA PRO B 87 -9.59 -17.03 -4.46
C PRO B 87 -10.47 -17.48 -3.31
N LEU B 88 -11.46 -16.65 -2.92
CA LEU B 88 -12.39 -17.00 -1.86
C LEU B 88 -13.79 -16.61 -2.29
N LEU B 89 -14.77 -17.27 -1.72
CA LEU B 89 -16.17 -17.00 -2.01
C LEU B 89 -16.92 -16.97 -0.69
N ALA B 90 -17.72 -15.93 -0.48
CA ALA B 90 -18.58 -15.75 0.70
C ALA B 90 -19.99 -15.98 0.27
N VAL B 91 -20.75 -16.70 1.09
CA VAL B 91 -22.16 -16.98 0.85
C VAL B 91 -22.97 -16.76 2.13
N ALA B 92 -24.24 -16.40 2.01
CA ALA B 92 -25.13 -16.18 3.16
C ALA B 92 -26.57 -16.20 2.72
N GLY B 93 -27.47 -16.34 3.66
CA GLY B 93 -28.89 -16.37 3.37
C GLY B 93 -29.77 -16.39 4.60
N SER B 94 -30.86 -17.20 4.52
CA SER B 94 -31.93 -17.28 5.51
C SER B 94 -31.47 -17.53 6.94
N ARG B 95 -30.45 -18.36 7.16
CA ARG B 95 -29.94 -18.63 8.52
C ARG B 95 -29.17 -17.47 9.17
N GLY B 96 -28.75 -16.49 8.37
CA GLY B 96 -28.00 -15.34 8.88
C GLY B 96 -26.57 -15.65 9.24
N ILE B 97 -25.99 -16.69 8.64
CA ILE B 97 -24.62 -17.06 8.87
C ILE B 97 -23.80 -16.81 7.62
N ILE B 98 -22.66 -16.11 7.76
CA ILE B 98 -21.75 -15.91 6.63
C ILE B 98 -20.82 -17.11 6.55
N ARG B 99 -20.73 -17.74 5.39
CA ARG B 99 -19.77 -18.82 5.21
C ARG B 99 -18.70 -18.38 4.21
N ILE B 100 -17.42 -18.61 4.55
CA ILE B 100 -16.28 -18.33 3.69
C ILE B 100 -15.81 -19.69 3.15
N ILE B 101 -15.95 -19.87 1.84
CA ILE B 101 -15.65 -21.14 1.17
C ILE B 101 -14.39 -21.06 0.34
N ASN B 102 -13.56 -22.13 0.41
CA ASN B 102 -12.38 -22.24 -0.42
C ASN B 102 -12.96 -22.74 -1.74
N PRO B 103 -12.94 -21.97 -2.85
CA PRO B 103 -13.63 -22.45 -4.06
C PRO B 103 -12.80 -23.47 -4.85
N ILE B 104 -11.52 -23.69 -4.47
CA ILE B 104 -10.62 -24.67 -5.10
C ILE B 104 -10.94 -26.08 -4.55
N THR B 105 -11.19 -26.18 -3.24
CA THR B 105 -11.51 -27.46 -2.57
C THR B 105 -13.03 -27.60 -2.35
N MET B 106 -13.77 -26.49 -2.46
CA MET B 106 -15.21 -26.39 -2.20
C MET B 106 -15.58 -26.75 -0.75
N GLN B 107 -14.67 -26.46 0.20
CA GLN B 107 -14.91 -26.66 1.63
C GLN B 107 -14.97 -25.33 2.35
N CYS B 108 -15.78 -25.26 3.40
CA CYS B 108 -15.95 -24.09 4.25
C CYS B 108 -14.69 -23.88 5.11
N ILE B 109 -14.05 -22.70 4.99
CA ILE B 109 -12.84 -22.32 5.76
C ILE B 109 -13.28 -21.87 7.16
N LYS B 110 -14.27 -20.96 7.23
CA LYS B 110 -14.76 -20.39 8.48
C LYS B 110 -16.14 -19.76 8.30
N HIS B 111 -16.81 -19.49 9.42
CA HIS B 111 -18.12 -18.87 9.38
C HIS B 111 -18.25 -17.75 10.41
N TYR B 112 -19.18 -16.81 10.17
CA TYR B 112 -19.44 -15.71 11.09
C TYR B 112 -20.89 -15.69 11.42
N VAL B 113 -21.17 -15.62 12.72
CA VAL B 113 -22.54 -15.51 13.20
C VAL B 113 -22.63 -14.17 13.94
N GLY B 114 -23.75 -13.50 13.85
CA GLY B 114 -23.93 -12.22 14.53
C GLY B 114 -25.25 -11.55 14.20
N HIS B 115 -25.63 -11.53 12.91
CA HIS B 115 -26.90 -10.95 12.51
C HIS B 115 -28.02 -11.75 13.19
N GLY B 116 -29.02 -11.05 13.71
CA GLY B 116 -30.16 -11.69 14.39
C GLY B 116 -31.18 -12.26 13.44
N ASN B 117 -30.91 -12.16 12.10
CA ASN B 117 -31.82 -12.64 11.08
C ASN B 117 -31.14 -12.82 9.70
N ALA B 118 -31.94 -13.16 8.69
CA ALA B 118 -31.49 -13.47 7.33
C ALA B 118 -30.58 -12.41 6.74
N ILE B 119 -29.57 -12.83 5.96
CA ILE B 119 -28.65 -11.92 5.26
C ILE B 119 -29.11 -11.85 3.81
N ASN B 120 -29.47 -10.64 3.37
CA ASN B 120 -30.01 -10.43 2.02
C ASN B 120 -28.97 -10.17 0.97
N GLU B 121 -27.81 -9.66 1.36
CA GLU B 121 -26.75 -9.35 0.40
C GLU B 121 -25.40 -9.27 1.07
N LEU B 122 -24.36 -9.67 0.31
CA LEU B 122 -22.94 -9.57 0.65
C LEU B 122 -22.25 -8.82 -0.44
N LYS B 123 -21.35 -7.92 -0.05
CA LYS B 123 -20.47 -7.18 -0.99
C LYS B 123 -19.07 -7.04 -0.41
N PHE B 124 -18.05 -7.23 -1.25
CA PHE B 124 -16.66 -6.97 -0.85
C PHE B 124 -16.25 -5.59 -1.30
N HIS B 125 -15.45 -4.90 -0.46
CA HIS B 125 -14.89 -3.57 -0.70
C HIS B 125 -14.08 -3.64 -1.98
N PRO B 126 -14.12 -2.62 -2.90
CA PRO B 126 -13.38 -2.75 -4.17
C PRO B 126 -11.85 -2.62 -4.07
N ARG B 127 -11.31 -2.14 -2.92
CA ARG B 127 -9.85 -1.94 -2.77
C ARG B 127 -9.23 -2.88 -1.77
N ASP B 128 -9.97 -3.16 -0.69
CA ASP B 128 -9.52 -4.03 0.39
C ASP B 128 -10.28 -5.34 0.34
N PRO B 129 -9.59 -6.43 -0.05
CA PRO B 129 -10.30 -7.70 -0.24
C PRO B 129 -10.81 -8.35 1.03
N ASN B 130 -10.37 -7.83 2.18
CA ASN B 130 -10.79 -8.41 3.47
C ASN B 130 -12.05 -7.78 4.04
N LEU B 131 -12.50 -6.68 3.47
CA LEU B 131 -13.66 -5.99 4.02
C LEU B 131 -14.95 -6.43 3.39
N LEU B 132 -15.75 -7.18 4.13
CA LEU B 132 -17.03 -7.74 3.72
C LEU B 132 -18.20 -6.98 4.33
N LEU B 133 -19.18 -6.58 3.51
CA LEU B 133 -20.37 -5.92 4.02
C LEU B 133 -21.55 -6.86 3.92
N SER B 134 -22.29 -7.08 5.02
CA SER B 134 -23.52 -7.88 4.96
C SER B 134 -24.69 -7.00 5.34
N VAL B 135 -25.86 -7.22 4.68
CA VAL B 135 -27.09 -6.45 4.94
C VAL B 135 -28.14 -7.45 5.37
N SER B 136 -28.93 -7.09 6.36
CA SER B 136 -29.79 -8.04 7.00
C SER B 136 -31.24 -7.65 7.30
N LYS B 137 -32.05 -8.70 7.45
CA LYS B 137 -33.45 -8.69 7.86
C LYS B 137 -33.57 -8.00 9.28
N ASP B 138 -32.45 -7.96 10.05
CA ASP B 138 -32.42 -7.32 11.39
C ASP B 138 -32.31 -5.77 11.35
N HIS B 139 -32.54 -5.15 10.17
CA HIS B 139 -32.51 -3.69 9.94
C HIS B 139 -31.10 -3.09 9.95
N ALA B 140 -30.07 -3.90 10.01
CA ALA B 140 -28.73 -3.33 10.05
C ALA B 140 -27.82 -3.82 8.97
N LEU B 141 -26.72 -3.09 8.75
CA LEU B 141 -25.61 -3.54 7.89
C LEU B 141 -24.44 -3.83 8.83
N ARG B 142 -23.54 -4.74 8.45
CA ARG B 142 -22.35 -5.04 9.25
C ARG B 142 -21.16 -5.12 8.34
N LEU B 143 -20.03 -4.54 8.79
CA LEU B 143 -18.78 -4.56 8.05
C LEU B 143 -17.84 -5.47 8.83
N TRP B 144 -17.27 -6.46 8.15
CA TRP B 144 -16.38 -7.45 8.73
C TRP B 144 -15.00 -7.36 8.15
N ASN B 145 -13.99 -7.71 8.94
CA ASN B 145 -12.61 -7.84 8.45
C ASN B 145 -12.41 -9.36 8.52
N ILE B 146 -12.38 -10.02 7.35
CA ILE B 146 -12.28 -11.47 7.29
C ILE B 146 -10.82 -11.94 7.40
N GLN B 147 -9.85 -11.03 7.45
CA GLN B 147 -8.45 -11.47 7.69
C GLN B 147 -8.24 -11.68 9.21
N THR B 148 -8.74 -10.75 10.06
CA THR B 148 -8.58 -10.83 11.51
C THR B 148 -9.83 -11.37 12.21
N ASP B 149 -10.90 -11.72 11.45
CA ASP B 149 -12.16 -12.27 11.97
C ASP B 149 -12.86 -11.32 12.96
N THR B 150 -12.90 -10.03 12.60
CA THR B 150 -13.55 -9.04 13.45
C THR B 150 -14.74 -8.36 12.82
N LEU B 151 -15.69 -7.95 13.65
CA LEU B 151 -16.83 -7.16 13.23
C LEU B 151 -16.38 -5.72 13.43
N VAL B 152 -16.09 -5.04 12.33
CA VAL B 152 -15.61 -3.67 12.35
C VAL B 152 -16.66 -2.70 12.86
N ALA B 153 -17.86 -2.77 12.25
CA ALA B 153 -18.92 -1.80 12.50
C ALA B 153 -20.30 -2.35 12.25
N ILE B 154 -21.29 -1.78 12.95
CA ILE B 154 -22.71 -2.12 12.79
C ILE B 154 -23.34 -0.79 12.43
N PHE B 155 -24.02 -0.74 11.27
CA PHE B 155 -24.66 0.48 10.77
C PHE B 155 -26.16 0.28 10.98
N GLY B 156 -26.69 0.93 12.01
CA GLY B 156 -28.10 0.81 12.39
C GLY B 156 -28.32 1.44 13.74
N GLY B 157 -29.57 1.52 14.15
CA GLY B 157 -29.92 2.09 15.46
C GLY B 157 -30.80 3.29 15.32
N VAL B 158 -30.48 4.37 16.06
CA VAL B 158 -31.31 5.59 16.16
C VAL B 158 -31.82 6.13 14.82
N GLU B 159 -30.93 6.30 13.83
CA GLU B 159 -31.32 6.79 12.50
C GLU B 159 -31.01 5.74 11.40
N GLY B 160 -30.87 4.50 11.79
CA GLY B 160 -30.64 3.43 10.83
C GLY B 160 -31.95 3.00 10.19
N HIS B 161 -31.88 1.94 9.35
CA HIS B 161 -33.11 1.47 8.72
C HIS B 161 -34.17 1.04 9.74
N ARG B 162 -35.47 1.23 9.42
CA ARG B 162 -36.58 0.86 10.32
C ARG B 162 -37.21 -0.50 9.98
N ASP B 163 -36.69 -1.15 8.93
CA ASP B 163 -37.14 -2.45 8.46
C ASP B 163 -35.96 -3.08 7.70
N GLU B 164 -36.14 -4.32 7.23
CA GLU B 164 -35.14 -5.11 6.50
C GLU B 164 -34.31 -4.28 5.57
N VAL B 165 -33.00 -4.51 5.56
CA VAL B 165 -32.13 -3.84 4.59
C VAL B 165 -32.08 -4.91 3.46
N LEU B 166 -32.40 -4.50 2.24
CA LEU B 166 -32.47 -5.47 1.13
C LEU B 166 -31.22 -5.55 0.25
N SER B 167 -30.52 -4.41 0.14
CA SER B 167 -29.36 -4.31 -0.71
C SER B 167 -28.46 -3.19 -0.24
N ALA B 168 -27.21 -3.22 -0.68
CA ALA B 168 -26.23 -2.16 -0.42
C ALA B 168 -25.13 -2.23 -1.46
N ASP B 169 -24.39 -1.13 -1.69
CA ASP B 169 -23.31 -1.11 -2.65
C ASP B 169 -22.24 -0.14 -2.21
N TYR B 170 -20.97 -0.52 -2.43
CA TYR B 170 -19.87 0.41 -2.23
C TYR B 170 -19.78 1.22 -3.51
N ASP B 171 -19.30 2.47 -3.44
CA ASP B 171 -18.98 3.27 -4.65
C ASP B 171 -17.67 2.69 -5.26
N LEU B 172 -17.24 3.19 -6.44
CA LEU B 172 -16.06 2.61 -7.11
C LEU B 172 -14.76 2.59 -6.28
N LEU B 173 -14.47 3.66 -5.53
CA LEU B 173 -13.23 3.69 -4.74
C LEU B 173 -13.40 3.21 -3.30
N GLY B 174 -14.60 2.77 -2.93
CA GLY B 174 -14.87 2.23 -1.60
C GLY B 174 -14.79 3.23 -0.46
N GLU B 175 -15.24 4.45 -0.72
CA GLU B 175 -15.25 5.55 0.26
C GLU B 175 -16.60 5.63 0.97
N LYS B 176 -17.64 5.07 0.36
CA LYS B 176 -18.99 5.18 0.91
C LYS B 176 -19.89 4.05 0.44
N ILE B 177 -20.98 3.81 1.19
CA ILE B 177 -21.96 2.74 0.98
C ILE B 177 -23.35 3.36 0.88
N MET B 178 -24.16 2.94 -0.09
CA MET B 178 -25.57 3.33 -0.15
C MET B 178 -26.33 2.04 0.16
N SER B 179 -27.27 2.04 1.11
CA SER B 179 -28.09 0.90 1.47
C SER B 179 -29.55 1.25 1.21
N CYS B 180 -30.41 0.26 1.07
CA CYS B 180 -31.83 0.50 0.83
C CYS B 180 -32.64 -0.60 1.42
N GLY B 181 -33.92 -0.39 1.62
CA GLY B 181 -34.69 -1.49 2.21
C GLY B 181 -36.18 -1.33 2.21
N MET B 182 -36.81 -2.19 2.99
CA MET B 182 -38.25 -2.29 3.19
C MET B 182 -38.91 -1.07 3.84
N ASP B 183 -38.11 -0.11 4.37
CA ASP B 183 -38.65 1.11 4.96
C ASP B 183 -38.72 2.22 3.92
N HIS B 184 -38.50 1.87 2.62
CA HIS B 184 -38.54 2.74 1.43
C HIS B 184 -37.37 3.70 1.35
N SER B 185 -36.41 3.65 2.32
CA SER B 185 -35.33 4.61 2.34
C SER B 185 -34.06 4.09 1.74
N LEU B 186 -33.28 5.03 1.24
CA LEU B 186 -31.93 4.88 0.75
C LEU B 186 -31.09 5.72 1.71
N LYS B 187 -30.08 5.08 2.32
CA LYS B 187 -29.21 5.74 3.31
C LYS B 187 -27.74 5.65 2.91
N LEU B 188 -26.98 6.77 3.07
CA LEU B 188 -25.57 6.86 2.76
C LEU B 188 -24.73 6.69 4.02
N TRP B 189 -23.68 5.86 3.94
CA TRP B 189 -22.80 5.63 5.10
C TRP B 189 -21.38 5.83 4.64
N ARG B 190 -20.72 6.92 5.05
CA ARG B 190 -19.35 7.17 4.61
C ARG B 190 -18.41 6.31 5.42
N ILE B 191 -17.48 5.67 4.75
CA ILE B 191 -16.50 4.82 5.44
C ILE B 191 -15.11 5.41 5.30
N ASN B 192 -15.02 6.60 4.67
CA ASN B 192 -13.74 7.31 4.57
C ASN B 192 -13.70 8.41 5.67
N SER B 193 -14.62 8.35 6.63
CA SER B 193 -14.59 9.31 7.75
C SER B 193 -13.38 8.94 8.62
N LYS B 194 -12.86 9.90 9.41
CA LYS B 194 -11.73 9.57 10.27
C LYS B 194 -12.10 8.45 11.24
N ARG B 195 -13.33 8.46 11.74
CA ARG B 195 -13.82 7.43 12.69
C ARG B 195 -13.77 6.03 12.09
N MET B 196 -14.34 5.89 10.88
CA MET B 196 -14.40 4.59 10.21
C MET B 196 -13.02 4.14 9.68
N MET B 197 -12.21 5.05 9.14
CA MET B 197 -10.85 4.68 8.70
C MET B 197 -10.05 4.17 9.89
N ASN B 198 -10.20 4.83 11.06
CA ASN B 198 -9.48 4.38 12.25
C ASN B 198 -10.01 3.05 12.74
N ALA B 199 -11.35 2.83 12.66
CA ALA B 199 -11.95 1.56 13.10
C ALA B 199 -11.47 0.41 12.20
N ILE B 200 -11.31 0.64 10.91
CA ILE B 200 -10.80 -0.41 10.00
C ILE B 200 -9.31 -0.66 10.36
N LYS B 201 -8.52 0.42 10.59
CA LYS B 201 -7.11 0.27 10.97
C LYS B 201 -6.99 -0.56 12.24
N GLU B 202 -7.87 -0.32 13.24
CA GLU B 202 -7.90 -1.07 14.53
C GLU B 202 -8.26 -2.54 14.36
N SER B 203 -9.18 -2.86 13.42
CA SER B 203 -9.55 -4.26 13.18
C SER B 203 -8.34 -5.03 12.63
N TYR B 204 -7.37 -4.34 12.02
CA TYR B 204 -6.13 -5.02 11.57
C TYR B 204 -5.11 -5.16 12.71
N ASP B 205 -5.17 -4.29 13.75
CA ASP B 205 -4.24 -4.33 14.89
C ASP B 205 -4.64 -5.40 15.89
N TYR B 206 -5.90 -5.89 15.84
CA TYR B 206 -6.42 -6.90 16.77
C TYR B 206 -5.80 -8.28 16.47
N PRO B 214 -11.40 -9.30 23.22
CA PRO B 214 -12.56 -9.09 22.32
C PRO B 214 -12.55 -7.71 21.67
N PHE B 215 -12.78 -7.70 20.34
CA PHE B 215 -12.80 -6.45 19.57
C PHE B 215 -14.12 -5.71 19.80
N ILE B 216 -14.02 -4.39 20.01
CA ILE B 216 -15.19 -3.54 20.22
C ILE B 216 -15.59 -2.95 18.87
N SER B 217 -16.74 -3.35 18.36
CA SER B 217 -17.25 -2.88 17.06
C SER B 217 -17.76 -1.47 17.21
N GLN B 218 -17.61 -0.64 16.15
CA GLN B 218 -18.24 0.67 16.15
C GLN B 218 -19.72 0.46 15.96
N LYS B 219 -20.53 1.27 16.62
CA LYS B 219 -21.98 1.26 16.41
C LYS B 219 -22.29 2.61 15.77
N ILE B 220 -22.56 2.60 14.43
CA ILE B 220 -22.85 3.82 13.66
C ILE B 220 -24.37 3.97 13.64
N HIS B 221 -24.90 4.88 14.48
CA HIS B 221 -26.33 5.09 14.57
C HIS B 221 -26.88 6.06 13.56
N PHE B 222 -26.00 6.85 12.95
CA PHE B 222 -26.41 7.95 12.07
C PHE B 222 -25.81 7.93 10.66
N PRO B 223 -26.67 7.89 9.62
CA PRO B 223 -26.15 7.89 8.24
C PRO B 223 -25.78 9.31 7.80
N ASP B 224 -25.03 9.43 6.72
CA ASP B 224 -24.55 10.68 6.16
C ASP B 224 -25.53 11.33 5.20
N PHE B 225 -26.65 10.64 4.95
CA PHE B 225 -27.77 11.05 4.06
C PHE B 225 -28.83 10.03 4.12
N SER B 226 -30.09 10.49 4.06
CA SER B 226 -31.24 9.60 4.05
C SER B 226 -32.39 10.22 3.24
N THR B 227 -33.03 9.43 2.36
CA THR B 227 -34.17 9.85 1.55
C THR B 227 -35.20 8.77 1.50
N ARG B 228 -36.47 9.17 1.52
CA ARG B 228 -37.58 8.24 1.39
C ARG B 228 -38.46 8.75 0.23
N ASP B 229 -37.91 9.68 -0.59
CA ASP B 229 -38.63 10.35 -1.68
C ASP B 229 -38.25 9.92 -3.11
N ILE B 230 -37.68 8.71 -3.29
CA ILE B 230 -37.34 8.31 -4.65
C ILE B 230 -38.43 7.33 -5.09
N HIS B 231 -38.73 6.36 -4.23
CA HIS B 231 -39.66 5.27 -4.47
C HIS B 231 -40.79 5.33 -3.46
N ARG B 232 -41.98 4.85 -3.85
CA ARG B 232 -43.15 4.85 -2.95
C ARG B 232 -43.38 3.49 -2.30
N ASN B 233 -42.36 2.59 -2.36
CA ASN B 233 -42.47 1.24 -1.77
C ASN B 233 -41.06 0.68 -1.41
N TYR B 234 -40.97 -0.62 -1.04
CA TYR B 234 -39.67 -1.27 -0.74
C TYR B 234 -38.61 -0.96 -1.81
N VAL B 235 -37.36 -0.85 -1.41
CA VAL B 235 -36.30 -0.63 -2.39
C VAL B 235 -35.49 -1.90 -2.30
N ASP B 236 -35.50 -2.73 -3.36
CA ASP B 236 -34.83 -4.03 -3.27
C ASP B 236 -33.47 -4.10 -3.95
N CYS B 237 -33.03 -3.03 -4.65
CA CYS B 237 -31.71 -3.07 -5.30
C CYS B 237 -31.16 -1.69 -5.48
N VAL B 238 -29.87 -1.49 -5.14
CA VAL B 238 -29.18 -0.20 -5.27
C VAL B 238 -27.75 -0.39 -5.74
N ARG B 239 -27.28 0.45 -6.65
CA ARG B 239 -25.90 0.42 -7.10
C ARG B 239 -25.46 1.85 -7.40
N TRP B 240 -24.19 2.15 -7.17
CA TRP B 240 -23.66 3.44 -7.57
C TRP B 240 -23.41 3.46 -9.09
N LEU B 241 -23.59 4.62 -9.70
CA LEU B 241 -23.23 4.81 -11.09
C LEU B 241 -22.42 6.11 -11.05
N GLY B 242 -21.12 5.99 -10.75
CA GLY B 242 -20.24 7.14 -10.58
C GLY B 242 -20.63 7.84 -9.30
N ASP B 243 -21.06 9.11 -9.38
CA ASP B 243 -21.55 9.87 -8.22
C ASP B 243 -23.07 9.76 -8.10
N LEU B 244 -23.70 9.14 -9.10
CA LEU B 244 -25.14 8.96 -9.16
C LEU B 244 -25.51 7.62 -8.61
N ILE B 245 -26.80 7.45 -8.33
CA ILE B 245 -27.37 6.26 -7.78
C ILE B 245 -28.37 5.67 -8.73
N LEU B 246 -28.38 4.33 -8.83
CA LEU B 246 -29.34 3.56 -9.59
C LEU B 246 -30.06 2.77 -8.53
N SER B 247 -31.40 2.81 -8.47
CA SER B 247 -32.16 2.00 -7.52
C SER B 247 -33.54 1.65 -8.04
N LYS B 248 -34.10 0.57 -7.51
CA LYS B 248 -35.41 0.16 -7.99
C LYS B 248 -36.31 -0.28 -6.88
N SER B 249 -37.61 -0.14 -7.16
CA SER B 249 -38.67 -0.61 -6.30
C SER B 249 -39.52 -1.56 -7.22
N CYS B 250 -40.83 -1.51 -7.10
CA CYS B 250 -41.75 -2.34 -7.89
C CYS B 250 -42.34 -1.58 -9.12
N GLU B 251 -42.19 -0.25 -9.17
CA GLU B 251 -42.75 0.68 -10.16
C GLU B 251 -42.36 0.46 -11.62
N ASN B 252 -41.77 -0.70 -11.97
CA ASN B 252 -41.33 -1.05 -13.33
C ASN B 252 -40.30 -0.07 -13.91
N ALA B 253 -39.38 0.41 -13.06
CA ALA B 253 -38.32 1.28 -13.53
C ALA B 253 -37.13 1.29 -12.58
N ILE B 254 -35.94 1.47 -13.14
CA ILE B 254 -34.75 1.72 -12.32
C ILE B 254 -34.61 3.23 -12.38
N VAL B 255 -34.51 3.89 -11.22
CA VAL B 255 -34.35 5.35 -11.18
C VAL B 255 -32.91 5.74 -10.99
N CYS B 256 -32.40 6.67 -11.84
CA CYS B 256 -31.07 7.25 -11.71
C CYS B 256 -31.27 8.57 -11.00
N TRP B 257 -30.64 8.74 -9.83
CA TRP B 257 -30.82 9.95 -9.00
C TRP B 257 -29.55 10.30 -8.23
N LYS B 258 -29.56 11.47 -7.57
CA LYS B 258 -28.44 11.91 -6.77
C LYS B 258 -28.94 12.66 -5.54
N PRO B 259 -28.25 12.56 -4.38
CA PRO B 259 -28.63 13.38 -3.21
C PRO B 259 -28.45 14.87 -3.54
N GLY B 260 -29.30 15.71 -2.94
CA GLY B 260 -29.26 17.17 -3.12
C GLY B 260 -29.75 17.69 -4.46
N LYS B 261 -29.56 18.99 -4.71
CA LYS B 261 -29.96 19.66 -5.96
C LYS B 261 -28.98 19.26 -7.08
N MET B 262 -29.36 19.51 -8.35
CA MET B 262 -28.57 19.19 -9.55
C MET B 262 -27.07 19.39 -9.46
N GLU B 263 -26.62 20.51 -8.89
CA GLU B 263 -25.20 20.87 -8.81
C GLU B 263 -24.53 20.50 -7.47
N ASP B 264 -25.28 19.86 -6.54
CA ASP B 264 -24.68 19.47 -5.25
C ASP B 264 -23.69 18.32 -5.38
N ASP B 265 -22.44 18.57 -4.99
CA ASP B 265 -21.34 17.61 -5.05
C ASP B 265 -21.58 16.55 -3.98
N ILE B 266 -21.47 15.27 -4.37
CA ILE B 266 -21.72 14.13 -3.46
C ILE B 266 -20.93 14.24 -2.14
N ASP B 267 -19.70 14.74 -2.20
CA ASP B 267 -18.84 14.86 -1.02
C ASP B 267 -19.02 16.17 -0.23
N LYS B 268 -20.02 16.99 -0.62
CA LYS B 268 -20.34 18.24 0.06
C LYS B 268 -21.77 18.23 0.64
N ILE B 269 -22.55 17.17 0.38
CA ILE B 269 -23.90 17.12 0.92
C ILE B 269 -23.83 16.87 2.44
N LYS B 270 -24.69 17.56 3.18
CA LYS B 270 -24.78 17.51 4.63
C LYS B 270 -25.69 16.36 5.08
N PRO B 271 -25.46 15.74 6.26
CA PRO B 271 -26.35 14.65 6.70
C PRO B 271 -27.82 15.02 6.80
N SER B 272 -28.12 16.32 6.98
CA SER B 272 -29.50 16.80 7.06
C SER B 272 -30.11 17.20 5.69
N GLU B 273 -29.31 17.18 4.58
CA GLU B 273 -29.77 17.48 3.20
C GLU B 273 -31.16 16.87 2.91
N SER B 274 -32.13 17.72 2.51
CA SER B 274 -33.53 17.29 2.29
C SER B 274 -33.90 17.06 0.82
N ASN B 275 -33.11 17.60 -0.11
CA ASN B 275 -33.35 17.49 -1.55
C ASN B 275 -32.76 16.23 -2.20
N VAL B 276 -33.38 15.80 -3.31
CA VAL B 276 -32.96 14.72 -4.21
C VAL B 276 -33.22 15.22 -5.61
N THR B 277 -32.41 14.77 -6.56
CA THR B 277 -32.55 15.14 -7.97
C THR B 277 -32.61 13.87 -8.82
N ILE B 278 -33.72 13.70 -9.54
CA ILE B 278 -33.90 12.56 -10.45
C ILE B 278 -33.24 12.97 -11.78
N LEU B 279 -32.45 12.07 -12.37
CA LEU B 279 -31.76 12.40 -13.62
C LEU B 279 -32.33 11.66 -14.81
N GLY B 280 -32.94 10.53 -14.54
CA GLY B 280 -33.49 9.65 -15.56
C GLY B 280 -34.13 8.41 -14.97
N ARG B 281 -34.78 7.64 -15.83
CA ARG B 281 -35.51 6.43 -15.49
C ARG B 281 -35.34 5.39 -16.61
N PHE B 282 -34.97 4.15 -16.26
CA PHE B 282 -34.81 3.04 -17.21
C PHE B 282 -36.06 2.22 -17.06
N ASP B 283 -37.00 2.37 -18.01
CA ASP B 283 -38.31 1.69 -18.00
C ASP B 283 -38.22 0.29 -18.62
N TYR B 284 -39.03 -0.63 -18.10
CA TYR B 284 -39.14 -2.01 -18.55
C TYR B 284 -40.54 -2.48 -18.19
N SER B 285 -40.83 -3.80 -18.28
CA SER B 285 -42.17 -4.32 -18.00
C SER B 285 -42.10 -5.62 -17.28
N GLN B 286 -43.22 -6.04 -16.74
CA GLN B 286 -43.41 -7.31 -16.05
C GLN B 286 -42.29 -7.61 -15.07
N CYS B 287 -41.92 -6.61 -14.26
CA CYS B 287 -40.92 -6.82 -13.20
C CYS B 287 -41.39 -6.01 -12.01
N ASP B 288 -42.62 -6.30 -11.57
CA ASP B 288 -43.20 -5.58 -10.44
C ASP B 288 -43.22 -6.40 -9.15
N ILE B 289 -42.83 -7.69 -9.22
CA ILE B 289 -42.69 -8.56 -8.03
C ILE B 289 -41.41 -8.18 -7.26
N TRP B 290 -41.37 -8.49 -5.96
CA TRP B 290 -40.22 -8.18 -5.11
C TRP B 290 -39.07 -9.12 -5.31
N TYR B 291 -37.84 -8.65 -4.97
CA TYR B 291 -36.58 -9.40 -4.92
C TYR B 291 -36.00 -9.74 -6.30
N MET B 292 -35.82 -8.72 -7.12
CA MET B 292 -35.31 -8.88 -8.48
C MET B 292 -34.16 -7.93 -8.57
N ARG B 293 -32.94 -8.43 -8.80
CA ARG B 293 -31.74 -7.59 -8.83
CA ARG B 293 -31.75 -7.59 -8.83
C ARG B 293 -31.29 -7.19 -10.23
N PHE B 294 -30.75 -5.97 -10.35
CA PHE B 294 -30.16 -5.55 -11.61
C PHE B 294 -28.63 -5.58 -11.43
N SER B 295 -27.90 -5.65 -12.54
CA SER B 295 -26.44 -5.71 -12.51
C SER B 295 -25.82 -4.83 -13.58
N MET B 296 -24.53 -4.53 -13.42
CA MET B 296 -23.79 -3.81 -14.44
C MET B 296 -22.52 -4.59 -14.74
N ASP B 297 -21.87 -4.30 -15.87
CA ASP B 297 -20.61 -4.94 -16.18
C ASP B 297 -19.55 -4.16 -15.43
N PHE B 298 -18.28 -4.62 -15.44
CA PHE B 298 -17.18 -3.97 -14.74
C PHE B 298 -17.01 -2.50 -15.14
N TRP B 299 -17.00 -2.20 -16.46
CA TRP B 299 -16.79 -0.84 -16.95
C TRP B 299 -18.02 0.05 -16.84
N GLN B 300 -19.14 -0.51 -16.37
CA GLN B 300 -20.42 0.19 -16.18
C GLN B 300 -20.90 0.81 -17.50
N LYS B 301 -20.80 0.04 -18.59
CA LYS B 301 -21.23 0.44 -19.94
C LYS B 301 -22.56 -0.27 -20.27
N MET B 302 -22.86 -1.34 -19.52
CA MET B 302 -24.09 -2.11 -19.68
C MET B 302 -24.78 -2.32 -18.36
N LEU B 303 -26.12 -2.23 -18.41
CA LEU B 303 -27.03 -2.43 -17.29
C LEU B 303 -27.94 -3.55 -17.69
N ALA B 304 -28.22 -4.49 -16.76
CA ALA B 304 -29.08 -5.63 -17.06
C ALA B 304 -30.01 -5.95 -15.94
N LEU B 305 -31.21 -6.39 -16.29
CA LEU B 305 -32.25 -6.80 -15.36
C LEU B 305 -33.18 -7.82 -15.99
N GLY B 306 -33.41 -8.91 -15.27
CA GLY B 306 -34.34 -9.93 -15.67
C GLY B 306 -35.73 -9.63 -15.14
N ASN B 307 -36.78 -10.10 -15.83
CA ASN B 307 -38.12 -9.84 -15.34
C ASN B 307 -38.75 -11.14 -14.88
N GLN B 308 -40.02 -11.10 -14.44
CA GLN B 308 -40.72 -12.28 -13.90
C GLN B 308 -41.11 -13.33 -14.96
N VAL B 309 -41.04 -12.99 -16.25
CA VAL B 309 -41.44 -13.96 -17.29
C VAL B 309 -40.26 -14.46 -18.16
N GLY B 310 -39.04 -14.29 -17.66
CA GLY B 310 -37.86 -14.78 -18.35
C GLY B 310 -37.25 -13.89 -19.38
N LYS B 311 -37.66 -12.63 -19.43
CA LYS B 311 -37.04 -11.70 -20.36
C LYS B 311 -35.85 -11.02 -19.67
N LEU B 312 -34.81 -10.73 -20.43
CA LEU B 312 -33.63 -10.07 -19.94
C LEU B 312 -33.45 -8.76 -20.62
N TYR B 313 -33.65 -7.67 -19.88
CA TYR B 313 -33.48 -6.32 -20.42
C TYR B 313 -32.04 -5.87 -20.30
N VAL B 314 -31.50 -5.19 -21.34
CA VAL B 314 -30.14 -4.65 -21.32
C VAL B 314 -30.18 -3.21 -21.84
N TRP B 315 -29.41 -2.30 -21.20
CA TRP B 315 -29.30 -0.91 -21.60
C TRP B 315 -27.84 -0.51 -21.80
N ASP B 316 -27.57 0.35 -22.81
CA ASP B 316 -26.23 0.89 -23.05
C ASP B 316 -26.16 2.16 -22.21
N LEU B 317 -25.33 2.12 -21.16
CA LEU B 317 -25.19 3.25 -20.23
C LEU B 317 -24.42 4.42 -20.81
N GLU B 318 -23.75 4.20 -21.96
CA GLU B 318 -23.00 5.24 -22.65
C GLU B 318 -23.90 6.10 -23.56
N VAL B 319 -25.22 5.83 -23.53
CA VAL B 319 -26.26 6.56 -24.25
C VAL B 319 -26.99 7.36 -23.19
N GLU B 320 -26.88 8.69 -23.27
CA GLU B 320 -27.42 9.68 -22.33
C GLU B 320 -28.93 9.55 -22.06
N ASP B 321 -29.76 9.51 -23.11
CA ASP B 321 -31.21 9.37 -22.91
C ASP B 321 -31.52 7.90 -22.59
N PRO B 322 -32.08 7.62 -21.37
CA PRO B 322 -32.38 6.23 -21.00
C PRO B 322 -33.38 5.52 -21.90
N HIS B 323 -34.30 6.27 -22.54
CA HIS B 323 -35.27 5.67 -23.45
C HIS B 323 -34.62 5.23 -24.76
N LYS B 324 -33.54 5.94 -25.18
CA LYS B 324 -32.76 5.63 -26.39
C LYS B 324 -31.62 4.65 -26.06
N ALA B 325 -31.36 4.42 -24.75
CA ALA B 325 -30.32 3.51 -24.24
C ALA B 325 -30.68 2.03 -24.38
N LYS B 326 -31.98 1.73 -24.56
CA LYS B 326 -32.50 0.38 -24.66
C LYS B 326 -31.86 -0.47 -25.75
N CYS B 327 -31.37 -1.67 -25.37
CA CYS B 327 -30.81 -2.65 -26.28
C CYS B 327 -31.94 -3.61 -26.60
N THR B 328 -31.74 -4.51 -27.58
CA THR B 328 -32.71 -5.54 -27.92
C THR B 328 -32.82 -6.47 -26.69
N THR B 329 -34.06 -6.65 -26.18
CA THR B 329 -34.42 -7.51 -25.06
C THR B 329 -34.06 -8.96 -25.37
N LEU B 330 -33.44 -9.67 -24.41
CA LEU B 330 -33.03 -11.04 -24.63
C LEU B 330 -34.09 -12.01 -24.20
N THR B 331 -34.58 -12.84 -25.15
CA THR B 331 -35.65 -13.79 -24.87
C THR B 331 -35.36 -15.14 -25.53
N HIS B 332 -35.83 -16.20 -24.89
CA HIS B 332 -35.72 -17.55 -25.39
C HIS B 332 -37.06 -18.15 -25.10
N HIS B 333 -37.60 -18.93 -26.03
CA HIS B 333 -38.93 -19.53 -25.90
C HIS B 333 -39.00 -20.53 -24.75
N LYS B 334 -37.86 -21.11 -24.34
CA LYS B 334 -37.82 -22.08 -23.22
C LYS B 334 -37.53 -21.42 -21.85
N CYS B 335 -37.23 -20.11 -21.86
CA CYS B 335 -36.88 -19.34 -20.62
C CYS B 335 -38.09 -18.52 -20.26
N GLY B 336 -38.89 -19.05 -19.35
CA GLY B 336 -40.14 -18.43 -18.89
C GLY B 336 -40.26 -18.15 -17.40
N ALA B 337 -39.26 -18.60 -16.60
CA ALA B 337 -39.24 -18.41 -15.13
C ALA B 337 -38.61 -17.07 -14.73
N ALA B 338 -38.93 -16.56 -13.52
CA ALA B 338 -38.41 -15.28 -13.05
C ALA B 338 -36.87 -15.28 -13.02
N ILE B 339 -36.22 -14.28 -13.62
CA ILE B 339 -34.75 -14.17 -13.59
C ILE B 339 -34.39 -13.37 -12.32
N ARG B 340 -33.84 -14.04 -11.29
CA ARG B 340 -33.52 -13.39 -9.99
C ARG B 340 -32.32 -12.47 -10.04
N GLN B 341 -31.26 -12.90 -10.76
CA GLN B 341 -30.06 -12.08 -10.87
C GLN B 341 -29.29 -12.49 -12.12
N THR B 342 -28.48 -11.55 -12.64
CA THR B 342 -27.66 -11.78 -13.82
C THR B 342 -26.24 -11.43 -13.46
N SER B 343 -25.26 -11.90 -14.25
CA SER B 343 -23.86 -11.52 -14.03
C SER B 343 -23.12 -11.46 -15.34
N PHE B 344 -22.39 -10.40 -15.56
CA PHE B 344 -21.52 -10.28 -16.74
C PHE B 344 -20.13 -10.84 -16.39
N SER B 345 -19.45 -11.48 -17.34
CA SER B 345 -18.02 -11.87 -17.12
C SER B 345 -17.24 -10.56 -17.07
N ARG B 346 -16.01 -10.57 -16.53
CA ARG B 346 -15.28 -9.30 -16.39
C ARG B 346 -15.11 -8.56 -17.71
N ASP B 347 -14.84 -9.30 -18.82
CA ASP B 347 -14.67 -8.67 -20.14
C ASP B 347 -15.98 -8.39 -20.88
N SER B 348 -17.15 -8.63 -20.22
CA SER B 348 -18.50 -8.41 -20.77
C SER B 348 -18.82 -9.30 -22.00
N SER B 349 -18.03 -10.34 -22.27
CA SER B 349 -18.29 -11.24 -23.40
C SER B 349 -19.42 -12.23 -23.12
N ILE B 350 -19.69 -12.51 -21.83
CA ILE B 350 -20.73 -13.47 -21.40
C ILE B 350 -21.64 -12.83 -20.37
N LEU B 351 -22.93 -13.14 -20.45
CA LEU B 351 -23.97 -12.73 -19.49
C LEU B 351 -24.73 -13.99 -19.09
N ILE B 352 -24.71 -14.31 -17.78
CA ILE B 352 -25.42 -15.48 -17.24
C ILE B 352 -26.64 -14.99 -16.47
N ALA B 353 -27.76 -15.68 -16.61
CA ALA B 353 -29.00 -15.39 -15.89
C ALA B 353 -29.39 -16.64 -15.15
N VAL B 354 -29.85 -16.50 -13.89
CA VAL B 354 -30.32 -17.62 -13.07
C VAL B 354 -31.78 -17.39 -12.74
N CYS B 355 -32.55 -18.48 -12.61
CA CYS B 355 -34.01 -18.46 -12.50
C CYS B 355 -34.63 -19.11 -11.29
N ASP B 356 -35.92 -18.76 -11.07
CA ASP B 356 -36.76 -19.36 -10.02
C ASP B 356 -36.97 -20.89 -10.18
N ASP B 357 -36.82 -21.43 -11.42
CA ASP B 357 -36.95 -22.87 -11.69
C ASP B 357 -35.61 -23.63 -11.70
N ALA B 358 -34.56 -23.01 -11.13
CA ALA B 358 -33.19 -23.54 -11.01
C ALA B 358 -32.46 -23.61 -12.34
N SER B 359 -32.94 -22.88 -13.36
CA SER B 359 -32.26 -22.92 -14.64
C SER B 359 -31.22 -21.81 -14.73
N ILE B 360 -30.20 -22.03 -15.59
CA ILE B 360 -29.07 -21.13 -15.81
C ILE B 360 -29.02 -20.92 -17.31
N TRP B 361 -28.88 -19.67 -17.76
CA TRP B 361 -28.91 -19.29 -19.18
C TRP B 361 -27.66 -18.55 -19.55
N ARG B 362 -27.01 -18.95 -20.63
CA ARG B 362 -25.79 -18.29 -21.07
C ARG B 362 -26.00 -17.50 -22.36
N TRP B 363 -25.72 -16.20 -22.32
CA TRP B 363 -25.82 -15.29 -23.45
C TRP B 363 -24.42 -14.78 -23.79
N ASP B 364 -23.93 -15.05 -25.03
CA ASP B 364 -22.62 -14.61 -25.50
C ASP B 364 -22.76 -13.37 -26.34
N ARG B 365 -21.88 -12.38 -26.12
CA ARG B 365 -21.92 -11.11 -26.86
C ARG B 365 -21.49 -11.34 -28.30
N LEU B 366 -22.25 -10.78 -29.25
CA LEU B 366 -21.96 -10.88 -30.68
C LEU B 366 -21.15 -9.67 -31.15
N SER C 1 -21.85 18.68 -19.54
CA SER C 1 -23.06 18.07 -19.01
C SER C 1 -22.80 17.21 -17.76
N MET C 2 -23.88 16.87 -17.01
CA MET C 2 -23.81 16.01 -15.83
C MET C 2 -23.40 14.60 -16.29
N PHE C 3 -23.96 14.15 -17.44
CA PHE C 3 -23.66 12.84 -18.04
C PHE C 3 -22.18 12.70 -18.35
N SER C 4 -21.61 13.61 -19.17
CA SER C 4 -20.22 13.58 -19.58
C SER C 4 -19.26 13.57 -18.40
N SER C 5 -19.55 14.40 -17.38
CA SER C 5 -18.76 14.55 -16.16
C SER C 5 -18.76 13.24 -15.36
N ASN C 6 -19.96 12.67 -15.14
CA ASN C 6 -20.13 11.41 -14.40
C ASN C 6 -19.46 10.27 -15.13
N ARG C 7 -19.63 10.19 -16.47
CA ARG C 7 -18.99 9.18 -17.30
C ARG C 7 -17.48 9.24 -17.19
N GLN C 8 -16.91 10.45 -17.03
CA GLN C 8 -15.46 10.61 -16.91
C GLN C 8 -14.98 10.09 -15.55
N LYS C 9 -15.79 10.30 -14.49
CA LYS C 9 -15.51 9.82 -13.12
C LYS C 9 -15.50 8.29 -13.14
N ILE C 10 -16.49 7.66 -13.80
CA ILE C 10 -16.55 6.19 -13.94
C ILE C 10 -15.29 5.72 -14.69
N LEU C 11 -14.95 6.38 -15.82
CA LEU C 11 -13.76 6.02 -16.61
C LEU C 11 -12.49 6.03 -15.75
N GLU C 12 -12.22 7.14 -15.02
CA GLU C 12 -11.03 7.32 -14.20
C GLU C 12 -10.95 6.33 -13.05
N ARG C 13 -12.06 6.15 -12.34
CA ARG C 13 -12.14 5.24 -11.20
C ARG C 13 -12.09 3.76 -11.59
N THR C 14 -12.80 3.37 -12.66
CA THR C 14 -12.73 1.97 -13.14
C THR C 14 -11.31 1.70 -13.67
N GLU C 15 -10.65 2.71 -14.28
CA GLU C 15 -9.24 2.55 -14.72
C GLU C 15 -8.32 2.27 -13.56
N ILE C 16 -8.50 2.97 -12.42
CA ILE C 16 -7.71 2.73 -11.20
C ILE C 16 -7.89 1.29 -10.77
N LEU C 17 -9.14 0.78 -10.75
CA LEU C 17 -9.44 -0.61 -10.33
C LEU C 17 -8.88 -1.64 -11.30
N ASN C 18 -8.96 -1.34 -12.60
CA ASN C 18 -8.45 -2.21 -13.65
C ASN C 18 -6.93 -2.33 -13.56
N GLN C 19 -6.25 -1.20 -13.28
CA GLN C 19 -4.80 -1.15 -13.11
C GLN C 19 -4.38 -1.98 -11.89
N GLU C 20 -5.18 -1.95 -10.79
CA GLU C 20 -4.91 -2.73 -9.57
C GLU C 20 -5.08 -4.25 -9.83
N TRP C 21 -6.11 -4.60 -10.60
CA TRP C 21 -6.39 -5.98 -11.03
C TRP C 21 -5.26 -6.47 -11.95
N LYS C 22 -4.77 -5.63 -12.88
CA LYS C 22 -3.66 -6.00 -13.78
C LYS C 22 -2.38 -6.41 -13.05
N GLN C 23 -2.12 -5.80 -11.88
CA GLN C 23 -0.93 -6.07 -11.08
C GLN C 23 -1.05 -7.37 -10.28
N ARG C 24 -2.30 -7.86 -10.07
CA ARG C 24 -2.53 -9.07 -9.32
C ARG C 24 -2.46 -10.35 -10.15
N ARG C 25 -2.11 -11.46 -9.47
CA ARG C 25 -2.04 -12.77 -10.12
C ARG C 25 -2.77 -13.76 -9.23
N ILE C 26 -4.13 -13.68 -9.24
CA ILE C 26 -4.96 -14.54 -8.41
C ILE C 26 -4.94 -15.95 -8.99
N GLN C 27 -4.73 -16.94 -8.10
CA GLN C 27 -4.69 -18.37 -8.42
C GLN C 27 -6.00 -18.81 -9.08
N PRO C 28 -5.94 -19.66 -10.14
CA PRO C 28 -7.17 -20.08 -10.80
C PRO C 28 -7.95 -21.06 -9.94
N VAL C 29 -9.29 -21.03 -10.04
CA VAL C 29 -10.19 -21.90 -9.29
C VAL C 29 -10.16 -23.36 -9.84
N SER D 1 16.09 26.69 -13.53
CA SER D 1 17.45 26.14 -13.46
C SER D 1 17.44 24.67 -13.04
N MET D 2 18.62 24.01 -13.10
CA MET D 2 18.82 22.64 -12.65
C MET D 2 18.65 22.62 -11.12
N PHE D 3 19.08 23.73 -10.45
CA PHE D 3 18.98 23.91 -9.00
C PHE D 3 17.55 23.93 -8.52
N SER D 4 16.70 24.83 -9.06
CA SER D 4 15.31 24.96 -8.62
C SER D 4 14.52 23.70 -8.91
N SER D 5 14.74 23.08 -10.09
CA SER D 5 14.09 21.82 -10.46
C SER D 5 14.49 20.71 -9.46
N ASN D 6 15.78 20.67 -9.06
CA ASN D 6 16.24 19.68 -8.09
C ASN D 6 15.68 19.91 -6.70
N ARG D 7 15.60 21.20 -6.23
CA ARG D 7 15.04 21.54 -4.92
C ARG D 7 13.58 21.19 -4.81
N GLN D 8 12.83 21.39 -5.92
CA GLN D 8 11.41 21.09 -6.03
C GLN D 8 11.16 19.60 -5.90
N LYS D 9 12.03 18.78 -6.54
CA LYS D 9 12.00 17.32 -6.48
C LYS D 9 12.24 16.87 -5.04
N ILE D 10 13.22 17.49 -4.35
CA ILE D 10 13.52 17.18 -2.95
C ILE D 10 12.29 17.57 -2.11
N LEU D 11 11.75 18.78 -2.34
CA LEU D 11 10.58 19.29 -1.61
C LEU D 11 9.38 18.36 -1.72
N GLU D 12 9.04 17.91 -2.94
CA GLU D 12 7.87 17.03 -3.14
C GLU D 12 8.08 15.65 -2.57
N ARG D 13 9.28 15.08 -2.76
CA ARG D 13 9.59 13.73 -2.30
C ARG D 13 9.75 13.64 -0.79
N THR D 14 10.39 14.64 -0.15
CA THR D 14 10.50 14.67 1.32
C THR D 14 9.11 14.87 1.94
N GLU D 15 8.22 15.57 1.22
CA GLU D 15 6.83 15.76 1.66
C GLU D 15 6.07 14.42 1.71
N ILE D 16 6.30 13.54 0.71
CA ILE D 16 5.68 12.20 0.63
C ILE D 16 6.14 11.38 1.80
N LEU D 17 7.45 11.44 2.11
CA LEU D 17 8.01 10.74 3.26
C LEU D 17 7.48 11.35 4.56
N ASN D 18 7.37 12.67 4.64
CA ASN D 18 6.91 13.31 5.87
C ASN D 18 5.45 12.98 6.19
N GLN D 19 4.60 12.91 5.15
CA GLN D 19 3.20 12.52 5.30
C GLN D 19 3.08 11.07 5.75
N GLU D 20 4.01 10.17 5.30
CA GLU D 20 3.98 8.77 5.73
C GLU D 20 4.42 8.64 7.18
N TRP D 21 5.41 9.45 7.59
CA TRP D 21 5.88 9.48 8.97
C TRP D 21 4.75 9.97 9.88
N LYS D 22 4.04 11.02 9.47
CA LYS D 22 2.92 11.65 10.24
C LYS D 22 1.80 10.67 10.55
N GLN D 23 1.50 9.73 9.63
CA GLN D 23 0.44 8.72 9.79
C GLN D 23 0.88 7.57 10.67
N ARG D 24 2.18 7.46 10.97
CA ARG D 24 2.73 6.42 11.83
C ARG D 24 2.73 6.85 13.31
N ARG D 25 2.68 5.86 14.21
CA ARG D 25 2.71 6.05 15.66
C ARG D 25 3.72 5.07 16.27
N ILE D 26 5.02 5.33 16.03
CA ILE D 26 6.13 4.48 16.52
C ILE D 26 6.32 4.71 18.02
N GLN D 27 6.28 3.62 18.83
CA GLN D 27 6.37 3.74 20.29
C GLN D 27 7.75 4.24 20.75
N PRO D 28 7.78 5.13 21.79
CA PRO D 28 9.08 5.69 22.22
C PRO D 28 10.07 4.69 22.80
N VAL D 29 11.35 5.10 22.81
CA VAL D 29 12.50 4.36 23.33
C VAL D 29 13.14 5.19 24.47
C1 GOL E . 11.14 -1.13 -5.53
O1 GOL E . 10.73 0.23 -5.66
C2 GOL E . 10.37 -1.91 -4.49
O2 GOL E . 9.24 -2.59 -5.08
C3 GOL E . 9.93 -1.13 -3.28
O3 GOL E . 9.30 -1.98 -2.34
C2 LQB F . 37.92 1.31 10.23
C3 LQB F . 38.33 0.33 9.30
C11 LQB F . 40.08 1.44 12.93
C12 LQB F . 33.64 1.74 7.84
C13 LQB F . 37.44 -0.08 8.31
C14 LQB F . 33.47 3.13 7.20
C17 LQB F . 33.84 2.80 10.08
C18 LQB F . 36.15 0.43 8.24
C19 LQB F . 33.46 4.29 8.01
C20 LQB F . 33.64 4.25 9.55
C21 LQB F . 39.14 4.16 10.64
C22 LQB F . 40.79 0.80 14.08
C23 LQB F . 33.40 3.25 5.80
C24 LQB F . 33.34 5.55 7.41
C25 LQB F . 33.25 4.51 5.21
C26 LQB F . 33.23 5.66 6.00
N1 LQB F . 38.78 1.71 11.22
N4 LQB F . 39.58 -0.20 9.30
N5 LQB F . 39.26 0.86 12.16
C6 LQB F . 39.36 2.89 11.42
C7 LQB F . 36.60 1.82 10.17
N8 LQB F . 34.41 1.89 9.07
C9 LQB F . 40.18 2.83 12.47
C10 LQB F . 35.68 1.36 9.19
O15 LQB F . 40.65 0.55 8.79
O16 LQB F . 39.80 -1.31 9.72
C1 GOL G . -28.70 8.62 -16.35
O1 GOL G . -29.84 8.57 -17.20
C2 GOL G . -27.42 8.54 -17.15
O2 GOL G . -27.10 7.17 -17.44
C3 GOL G . -26.27 9.18 -16.41
O3 GOL G . -26.52 10.55 -16.13
C2 LQB H . -36.76 -14.67 -0.48
C3 LQB H . -37.19 -14.05 0.71
C11 LQB H . -38.34 -17.70 -1.09
C12 LQB H . -32.90 -11.54 -0.72
C13 LQB H . -36.43 -12.99 1.24
C14 LQB H . -33.01 -10.49 -1.83
C17 LQB H . -33.05 -13.38 -2.36
C18 LQB H . -35.24 -12.57 0.62
C19 LQB H . -33.07 -10.93 -3.18
C20 LQB H . -33.01 -12.42 -3.57
C21 LQB H . -38.39 -14.60 -3.11
C22 LQB H . -38.69 -19.11 -0.73
C23 LQB H . -33.13 -9.13 -1.52
C24 LQB H . -33.21 -9.98 -4.21
C25 LQB H . -33.26 -8.19 -2.55
C26 LQB H . -33.31 -8.61 -3.90
N1 LQB H . -37.48 -15.71 -1.01
N4 LQB H . -38.35 -14.40 1.34
N5 LQB H . -37.60 -16.92 -0.41
C6 LQB H . -38.21 -15.73 -2.11
C7 LQB H . -35.54 -14.26 -1.08
N8 LQB H . -33.60 -12.76 -1.16
C9 LQB H . -38.77 -16.93 -2.26
C10 LQB H . -34.76 -13.21 -0.55
O15 LQB H . -39.55 -13.76 1.00
O16 LQB H . -38.38 -15.23 2.22
#